data_7PEK
#
_entry.id   7PEK
#
_cell.length_a   149.010
_cell.length_b   149.010
_cell.length_c   99.510
_cell.angle_alpha   90.000
_cell.angle_beta   90.000
_cell.angle_gamma   90.000
#
_symmetry.space_group_name_H-M   'I 4'
#
loop_
_entity.id
_entity.type
_entity.pdbx_description
1 polymer 'Triosephosphate isomerase'
2 non-polymer 'SULFATE ION'
3 non-polymer GLYCEROL
4 non-polymer 'PHOSPHATE ION'
5 non-polymer 'SODIUM ION'
6 water water
#
_entity_poly.entity_id   1
_entity_poly.type   'polypeptide(L)'
_entity_poly.pdbx_seq_one_letter_code
;MARKFFVGGNFKMNGSLESMKTIIEGLNTTKLNVGDVETVIFPQNMYLITTRQQVKKDIGVGAQNVFDKKNGAYTGENSA
QSLIDAGITYTLTGHSERRTIFKESDEFVADKTKFALEQGLTVVACIGETLAEREANTINVVVRQLNAIADKVQNWSKIV
IAYEPVWAIGTGKTATPEQAQEVHAEIRKWATNKLGASVAEGLRVIYGGSVNGGNAKEFLKFHDIDGFLVGGASLKPEFH
NIVNVHSL
;
_entity_poly.pdbx_strand_id   A,B,C,D
#
# COMPACT_ATOMS: atom_id res chain seq x y z
N ARG A 3 -19.59 -18.43 36.25
CA ARG A 3 -19.17 -17.31 35.42
C ARG A 3 -19.55 -15.98 36.04
N LYS A 4 -18.56 -15.24 36.53
CA LYS A 4 -18.83 -13.92 37.08
C LYS A 4 -19.16 -12.95 35.95
N PHE A 5 -20.27 -12.22 36.12
CA PHE A 5 -20.68 -11.19 35.17
C PHE A 5 -19.56 -10.18 34.90
N PHE A 6 -19.39 -9.81 33.64
CA PHE A 6 -18.28 -8.99 33.19
C PHE A 6 -18.84 -7.78 32.44
N VAL A 7 -18.42 -6.57 32.84
CA VAL A 7 -18.81 -5.36 32.10
C VAL A 7 -17.55 -4.58 31.74
N GLY A 8 -17.29 -4.46 30.44
CA GLY A 8 -16.20 -3.65 29.92
C GLY A 8 -16.73 -2.37 29.30
N GLY A 9 -15.95 -1.31 29.41
CA GLY A 9 -16.27 -0.06 28.75
C GLY A 9 -15.15 0.32 27.80
N ASN A 10 -15.42 0.26 26.50
CA ASN A 10 -14.44 0.59 25.48
C ASN A 10 -14.60 2.05 25.08
N PHE A 11 -13.65 2.89 25.52
CA PHE A 11 -13.70 4.33 25.26
C PHE A 11 -13.34 4.67 23.82
N LYS A 12 -12.70 3.75 23.12
CA LYS A 12 -12.27 3.89 21.73
C LYS A 12 -11.35 5.11 21.64
N MET A 13 -11.38 5.81 20.52
CA MET A 13 -10.38 6.85 20.26
C MET A 13 -10.96 8.23 20.60
N ASN A 14 -11.31 8.33 21.88
CA ASN A 14 -11.96 9.49 22.47
C ASN A 14 -11.23 9.91 23.73
N GLY A 15 -11.44 11.16 24.11
CA GLY A 15 -10.98 11.66 25.40
C GLY A 15 -10.32 13.02 25.31
N SER A 16 -10.36 13.75 26.43
CA SER A 16 -9.50 14.88 26.70
C SER A 16 -9.11 14.76 28.17
N LEU A 17 -8.12 15.54 28.61
CA LEU A 17 -7.77 15.52 30.03
C LEU A 17 -8.99 15.79 30.90
N GLU A 18 -9.74 16.84 30.56
CA GLU A 18 -10.89 17.22 31.37
C GLU A 18 -11.99 16.15 31.32
N SER A 19 -12.29 15.63 30.12
CA SER A 19 -13.37 14.65 30.08
C SER A 19 -12.94 13.35 30.75
N MET A 20 -11.65 13.01 30.70
CA MET A 20 -11.28 11.71 31.22
C MET A 20 -11.26 11.76 32.73
N LYS A 21 -10.86 12.91 33.29
CA LYS A 21 -10.89 13.08 34.73
C LYS A 21 -12.30 12.93 35.29
N THR A 22 -13.32 13.50 34.61
CA THR A 22 -14.66 13.42 35.17
C THR A 22 -15.33 12.07 34.90
N ILE A 23 -15.05 11.44 33.76
CA ILE A 23 -15.57 10.08 33.53
C ILE A 23 -15.06 9.13 34.61
N ILE A 24 -13.77 9.22 34.95
CA ILE A 24 -13.22 8.35 35.98
C ILE A 24 -13.79 8.74 37.35
N GLU A 25 -13.88 10.04 37.64
CA GLU A 25 -14.45 10.45 38.93
C GLU A 25 -15.88 9.97 39.07
N GLY A 26 -16.64 9.98 37.98
CA GLY A 26 -17.97 9.41 38.00
C GLY A 26 -17.98 7.95 38.40
N LEU A 27 -17.01 7.17 37.88
CA LEU A 27 -16.94 5.75 38.23
C LEU A 27 -16.46 5.55 39.65
N ASN A 28 -15.53 6.40 40.12
CA ASN A 28 -15.00 6.24 41.47
C ASN A 28 -16.09 6.40 42.52
N THR A 29 -17.01 7.33 42.31
CA THR A 29 -18.09 7.61 43.25
C THR A 29 -19.35 6.83 42.92
N THR A 30 -19.24 5.76 42.14
CA THR A 30 -20.35 4.85 41.87
C THR A 30 -20.18 3.61 42.74
N LYS A 31 -21.21 3.29 43.52
CA LYS A 31 -21.15 2.12 44.39
C LYS A 31 -21.18 0.84 43.55
N LEU A 32 -20.23 -0.05 43.80
CA LEU A 32 -20.08 -1.29 43.05
C LEU A 32 -20.24 -2.50 43.95
N ASN A 33 -20.75 -3.59 43.38
CA ASN A 33 -20.69 -4.91 44.01
C ASN A 33 -19.61 -5.70 43.29
N VAL A 34 -18.37 -5.62 43.79
CA VAL A 34 -17.25 -6.22 43.05
C VAL A 34 -17.32 -7.74 43.09
N GLY A 35 -17.91 -8.31 44.14
CA GLY A 35 -18.11 -9.74 44.14
C GLY A 35 -19.06 -10.22 43.05
N ASP A 36 -19.91 -9.32 42.55
CA ASP A 36 -20.95 -9.66 41.61
C ASP A 36 -20.61 -9.32 40.17
N VAL A 37 -19.83 -8.27 39.93
CA VAL A 37 -19.53 -7.81 38.57
C VAL A 37 -18.03 -7.51 38.48
N GLU A 38 -17.39 -8.01 37.43
CA GLU A 38 -16.02 -7.64 37.07
C GLU A 38 -16.10 -6.48 36.09
N THR A 39 -15.65 -5.30 36.51
CA THR A 39 -15.76 -4.08 35.70
C THR A 39 -14.39 -3.64 35.24
N VAL A 40 -14.28 -3.31 33.94
CA VAL A 40 -13.02 -2.94 33.33
C VAL A 40 -13.25 -1.80 32.34
N ILE A 41 -12.34 -0.83 32.30
CA ILE A 41 -12.42 0.24 31.31
C ILE A 41 -11.17 0.21 30.46
N PHE A 42 -11.34 0.54 29.17
CA PHE A 42 -10.30 0.45 28.15
C PHE A 42 -10.14 1.83 27.54
N PRO A 43 -9.30 2.67 28.10
CA PRO A 43 -9.18 4.05 27.61
C PRO A 43 -8.27 4.09 26.39
N GLN A 44 -8.29 5.23 25.70
CA GLN A 44 -7.33 5.49 24.63
C GLN A 44 -5.90 5.37 25.16
N ASN A 45 -4.99 4.91 24.29
CA ASN A 45 -3.66 4.46 24.72
C ASN A 45 -2.98 5.47 25.63
N MET A 46 -3.08 6.77 25.30
CA MET A 46 -2.28 7.75 26.03
C MET A 46 -2.70 7.89 27.48
N TYR A 47 -3.92 7.47 27.82
CA TYR A 47 -4.45 7.62 29.17
C TYR A 47 -4.29 6.37 30.01
N LEU A 48 -3.53 5.36 29.55
CA LEU A 48 -3.55 4.08 30.23
C LEU A 48 -3.00 4.22 31.65
N ILE A 49 -1.87 4.91 31.81
CA ILE A 49 -1.25 5.04 33.12
C ILE A 49 -2.07 5.99 34.02
N THR A 50 -2.45 7.16 33.49
CA THR A 50 -3.22 8.08 34.35
C THR A 50 -4.58 7.49 34.72
N THR A 51 -5.16 6.65 33.85
CA THR A 51 -6.40 6.00 34.21
C THR A 51 -6.19 4.99 35.33
N ARG A 52 -5.12 4.19 35.25
CA ARG A 52 -4.86 3.25 36.33
C ARG A 52 -4.54 3.98 37.63
N GLN A 53 -3.90 5.16 37.52
CA GLN A 53 -3.61 5.94 38.72
C GLN A 53 -4.88 6.50 39.36
N GLN A 54 -5.83 6.97 38.54
CA GLN A 54 -6.97 7.71 39.05
C GLN A 54 -8.21 6.86 39.34
N VAL A 55 -8.41 5.73 38.64
CA VAL A 55 -9.63 4.95 38.88
C VAL A 55 -9.38 3.99 40.03
N LYS A 56 -10.42 3.78 40.85
CA LYS A 56 -10.25 2.98 42.06
C LYS A 56 -9.87 1.54 41.72
N LYS A 57 -9.17 0.91 42.66
CA LYS A 57 -8.61 -0.43 42.47
C LYS A 57 -9.68 -1.47 42.11
N ASP A 58 -10.93 -1.24 42.49
CA ASP A 58 -12.01 -2.17 42.20
C ASP A 58 -12.29 -2.30 40.71
N ILE A 59 -11.86 -1.33 39.91
CA ILE A 59 -12.08 -1.32 38.46
C ILE A 59 -10.76 -1.62 37.77
N GLY A 60 -10.79 -2.61 36.85
CA GLY A 60 -9.62 -2.90 36.06
C GLY A 60 -9.45 -1.92 34.93
N VAL A 61 -8.21 -1.83 34.44
CA VAL A 61 -7.89 -1.01 33.28
C VAL A 61 -7.27 -1.93 32.24
N GLY A 62 -7.62 -1.71 30.99
CA GLY A 62 -7.11 -2.52 29.90
C GLY A 62 -6.75 -1.67 28.70
N ALA A 63 -5.79 -2.17 27.93
CA ALA A 63 -5.48 -1.55 26.65
C ALA A 63 -6.53 -1.93 25.60
N GLN A 64 -6.63 -1.09 24.58
CA GLN A 64 -7.54 -1.32 23.47
C GLN A 64 -6.94 -2.24 22.41
N ASN A 65 -5.63 -2.52 22.49
CA ASN A 65 -4.88 -3.32 21.53
C ASN A 65 -3.50 -3.56 22.11
N VAL A 66 -2.86 -4.63 21.63
CA VAL A 66 -1.50 -4.97 22.05
C VAL A 66 -0.84 -5.67 20.89
N PHE A 67 0.49 -5.59 20.82
CA PHE A 67 1.25 -6.31 19.81
C PHE A 67 1.56 -7.73 20.32
N ASP A 68 2.06 -8.60 19.44
CA ASP A 68 2.22 -10.01 19.82
C ASP A 68 3.66 -10.39 20.17
N LYS A 69 4.56 -9.43 20.35
CA LYS A 69 5.96 -9.75 20.59
C LYS A 69 6.48 -9.01 21.83
N LYS A 70 7.61 -9.51 22.36
CA LYS A 70 8.34 -8.86 23.44
C LYS A 70 8.81 -7.47 23.01
N ASN A 71 9.17 -6.65 23.99
CA ASN A 71 9.64 -5.29 23.72
C ASN A 71 10.66 -5.28 22.59
N GLY A 72 10.48 -4.33 21.68
CA GLY A 72 11.43 -4.22 20.57
C GLY A 72 10.96 -3.17 19.58
N ALA A 73 11.37 -3.37 18.33
CA ALA A 73 11.35 -2.29 17.34
C ALA A 73 10.03 -2.33 16.56
N TYR A 74 8.96 -1.95 17.25
CA TYR A 74 7.61 -1.93 16.68
C TYR A 74 6.99 -0.57 16.98
N THR A 75 7.52 0.46 16.32
CA THR A 75 7.12 1.84 16.57
C THR A 75 5.60 1.99 16.48
N GLY A 76 5.02 2.58 17.53
CA GLY A 76 3.59 2.84 17.56
C GLY A 76 2.74 1.83 18.29
N GLU A 77 3.29 0.68 18.70
CA GLU A 77 2.52 -0.42 19.28
C GLU A 77 2.51 -0.35 20.79
N ASN A 78 1.50 -0.97 21.40
CA ASN A 78 1.47 -1.23 22.84
C ASN A 78 2.11 -2.57 23.18
N SER A 79 2.99 -2.56 24.18
CA SER A 79 3.68 -3.76 24.67
C SER A 79 2.91 -4.41 25.82
N ALA A 80 2.66 -5.72 25.69
CA ALA A 80 2.03 -6.44 26.80
C ALA A 80 2.88 -6.42 28.06
N GLN A 81 4.21 -6.55 27.92
CA GLN A 81 5.09 -6.51 29.09
C GLN A 81 5.03 -5.15 29.76
N SER A 82 5.03 -4.08 28.96
CA SER A 82 4.95 -2.73 29.52
C SER A 82 3.61 -2.50 30.24
N LEU A 83 2.52 -2.98 29.65
CA LEU A 83 1.22 -2.84 30.29
C LEU A 83 1.21 -3.48 31.67
N ILE A 84 1.73 -4.70 31.76
CA ILE A 84 1.70 -5.44 33.02
C ILE A 84 2.61 -4.77 34.05
N ASP A 85 3.75 -4.25 33.62
CA ASP A 85 4.67 -3.57 34.52
C ASP A 85 4.02 -2.36 35.19
N ALA A 86 3.11 -1.70 34.49
CA ALA A 86 2.43 -0.51 35.01
C ALA A 86 1.10 -0.83 35.67
N GLY A 87 0.74 -2.10 35.79
CA GLY A 87 -0.50 -2.44 36.47
C GLY A 87 -1.72 -2.39 35.58
N ILE A 88 -1.55 -2.36 34.27
CA ILE A 88 -2.67 -2.56 33.36
C ILE A 88 -2.75 -4.05 33.10
N THR A 89 -3.86 -4.67 33.53
CA THR A 89 -3.97 -6.12 33.57
C THR A 89 -4.94 -6.72 32.56
N TYR A 90 -5.52 -5.91 31.67
CA TYR A 90 -6.45 -6.37 30.66
C TYR A 90 -6.01 -5.85 29.30
N THR A 91 -6.50 -6.48 28.23
CA THR A 91 -6.43 -5.88 26.90
C THR A 91 -7.57 -6.43 26.06
N LEU A 92 -8.04 -5.63 25.11
CA LEU A 92 -8.81 -6.14 23.99
C LEU A 92 -7.87 -6.68 22.92
N THR A 93 -8.35 -7.69 22.19
CA THR A 93 -7.74 -8.12 20.94
C THR A 93 -8.85 -8.36 19.93
N GLY A 94 -8.53 -8.10 18.66
CA GLY A 94 -9.48 -8.41 17.60
C GLY A 94 -10.74 -7.60 17.57
N HIS A 95 -10.76 -6.38 18.14
CA HIS A 95 -11.94 -5.54 18.00
C HIS A 95 -12.24 -5.36 16.52
N SER A 96 -13.54 -5.30 16.20
CA SER A 96 -13.93 -5.28 14.80
C SER A 96 -13.32 -4.09 14.07
N GLU A 97 -13.16 -2.94 14.75
CA GLU A 97 -12.55 -1.80 14.09
C GLU A 97 -11.09 -2.08 13.71
N ARG A 98 -10.41 -2.96 14.45
CA ARG A 98 -9.06 -3.32 14.05
C ARG A 98 -9.06 -4.40 12.97
N ARG A 99 -10.01 -5.34 13.02
CA ARG A 99 -10.08 -6.32 11.94
C ARG A 99 -10.45 -5.66 10.62
N THR A 100 -11.33 -4.66 10.64
CA THR A 100 -11.78 -4.07 9.38
C THR A 100 -10.86 -2.95 8.90
N ILE A 101 -10.57 -1.96 9.74
CA ILE A 101 -9.74 -0.84 9.27
C ILE A 101 -8.31 -1.29 9.06
N PHE A 102 -7.76 -2.10 9.97
CA PHE A 102 -6.35 -2.45 9.91
C PHE A 102 -6.11 -3.89 9.46
N LYS A 103 -7.14 -4.60 9.04
CA LYS A 103 -7.00 -5.91 8.40
C LYS A 103 -6.28 -6.90 9.31
N GLU A 104 -6.46 -6.77 10.62
CA GLU A 104 -5.92 -7.80 11.52
C GLU A 104 -6.59 -9.14 11.21
N SER A 105 -5.77 -10.15 10.95
CA SER A 105 -6.26 -11.47 10.59
C SER A 105 -6.67 -12.27 11.83
N ASP A 106 -7.46 -13.32 11.62
CA ASP A 106 -7.76 -14.27 12.70
C ASP A 106 -6.49 -14.74 13.38
N GLU A 107 -5.46 -15.02 12.58
CA GLU A 107 -4.22 -15.59 13.09
C GLU A 107 -3.43 -14.57 13.89
N PHE A 108 -3.40 -13.31 13.41
CA PHE A 108 -2.74 -12.24 14.14
C PHE A 108 -3.41 -12.00 15.49
N VAL A 109 -4.74 -11.94 15.48
CA VAL A 109 -5.49 -11.78 16.72
C VAL A 109 -5.21 -12.92 17.67
N ALA A 110 -5.17 -14.15 17.16
CA ALA A 110 -4.83 -15.28 18.02
C ALA A 110 -3.42 -15.15 18.57
N ASP A 111 -2.48 -14.68 17.75
CA ASP A 111 -1.10 -14.57 18.22
C ASP A 111 -0.97 -13.52 19.31
N LYS A 112 -1.64 -12.38 19.14
CA LYS A 112 -1.69 -11.33 20.16
C LYS A 112 -2.30 -11.85 21.44
N THR A 113 -3.43 -12.55 21.31
CA THR A 113 -4.10 -13.12 22.47
C THR A 113 -3.16 -14.02 23.25
N LYS A 114 -2.51 -14.96 22.56
CA LYS A 114 -1.63 -15.90 23.25
C LYS A 114 -0.49 -15.17 23.96
N PHE A 115 0.17 -14.23 23.28
CA PHE A 115 1.28 -13.52 23.89
C PHE A 115 0.82 -12.72 25.10
N ALA A 116 -0.28 -11.98 24.96
CA ALA A 116 -0.80 -11.22 26.09
C ALA A 116 -1.07 -12.13 27.28
N LEU A 117 -1.71 -13.28 27.04
CA LEU A 117 -1.94 -14.24 28.12
C LEU A 117 -0.63 -14.69 28.75
N GLU A 118 0.36 -15.04 27.93
CA GLU A 118 1.64 -15.50 28.48
C GLU A 118 2.30 -14.42 29.35
N GLN A 119 2.10 -13.15 29.03
CA GLN A 119 2.70 -12.08 29.82
C GLN A 119 1.86 -11.67 31.01
N GLY A 120 0.69 -12.27 31.22
CA GLY A 120 -0.10 -12.05 32.42
C GLY A 120 -1.41 -11.32 32.25
N LEU A 121 -1.77 -10.90 31.04
CA LEU A 121 -2.99 -10.13 30.86
C LEU A 121 -4.21 -11.04 30.81
N THR A 122 -5.35 -10.51 31.21
CA THR A 122 -6.64 -11.08 30.83
C THR A 122 -7.05 -10.44 29.50
N VAL A 123 -7.43 -11.27 28.53
CA VAL A 123 -7.71 -10.80 27.17
C VAL A 123 -9.21 -10.90 26.90
N VAL A 124 -9.79 -9.79 26.43
CA VAL A 124 -11.16 -9.78 25.92
C VAL A 124 -11.00 -9.94 24.41
N ALA A 125 -11.10 -11.19 23.94
CA ALA A 125 -10.94 -11.45 22.51
C ALA A 125 -12.27 -11.22 21.80
N CYS A 126 -12.27 -10.34 20.80
CA CYS A 126 -13.50 -9.89 20.16
C CYS A 126 -13.73 -10.66 18.87
N ILE A 127 -14.99 -11.07 18.64
CA ILE A 127 -15.42 -11.79 17.45
C ILE A 127 -16.76 -11.22 16.96
N GLY A 128 -17.10 -11.50 15.72
CA GLY A 128 -18.44 -11.14 15.26
C GLY A 128 -18.53 -11.01 13.76
N GLU A 129 -19.78 -11.09 13.26
CA GLU A 129 -20.07 -11.14 11.84
C GLU A 129 -20.65 -9.81 11.33
N THR A 130 -20.40 -9.54 10.06
CA THR A 130 -20.84 -8.32 9.40
C THR A 130 -22.34 -8.36 9.06
N LEU A 131 -22.82 -7.29 8.43
CA LEU A 131 -24.20 -7.26 7.94
C LEU A 131 -24.39 -8.30 6.84
N ALA A 132 -23.45 -8.37 5.89
CA ALA A 132 -23.54 -9.35 4.82
C ALA A 132 -23.41 -10.78 5.34
N GLU A 133 -22.49 -11.01 6.27
CA GLU A 133 -22.31 -12.34 6.84
C GLU A 133 -23.51 -12.80 7.64
N ARG A 134 -24.31 -11.87 8.15
CA ARG A 134 -25.49 -12.20 8.94
C ARG A 134 -26.53 -12.95 8.13
N GLU A 135 -26.50 -12.81 6.80
CA GLU A 135 -27.47 -13.47 5.92
C GLU A 135 -27.60 -14.95 6.24
N ALA A 136 -26.48 -15.67 6.16
CA ALA A 136 -26.52 -17.11 6.39
C ALA A 136 -25.23 -17.64 7.03
N ASN A 137 -24.29 -16.78 7.42
CA ASN A 137 -22.94 -17.22 7.74
C ASN A 137 -22.49 -16.83 9.15
N THR A 138 -23.40 -16.39 10.02
CA THR A 138 -23.05 -15.94 11.37
C THR A 138 -22.14 -16.93 12.09
N ILE A 139 -22.56 -18.20 12.15
CA ILE A 139 -21.84 -19.18 12.96
C ILE A 139 -20.58 -19.66 12.25
N ASN A 140 -20.59 -19.72 10.91
CA ASN A 140 -19.35 -19.99 10.21
C ASN A 140 -18.28 -18.99 10.61
N VAL A 141 -18.64 -17.71 10.70
CA VAL A 141 -17.67 -16.66 10.96
C VAL A 141 -17.15 -16.73 12.39
N VAL A 142 -18.04 -16.75 13.38
CA VAL A 142 -17.55 -16.71 14.76
C VAL A 142 -16.79 -17.99 15.13
N VAL A 143 -17.18 -19.14 14.56
CA VAL A 143 -16.44 -20.36 14.86
C VAL A 143 -15.05 -20.29 14.23
N ARG A 144 -14.95 -19.78 13.01
CA ARG A 144 -13.64 -19.63 12.40
C ARG A 144 -12.75 -18.72 13.23
N GLN A 145 -13.30 -17.60 13.71
CA GLN A 145 -12.50 -16.69 14.50
C GLN A 145 -12.07 -17.33 15.82
N LEU A 146 -12.97 -18.10 16.45
CA LEU A 146 -12.64 -18.79 17.70
C LEU A 146 -11.62 -19.91 17.48
N ASN A 147 -11.77 -20.68 16.40
CA ASN A 147 -10.84 -21.78 16.11
C ASN A 147 -9.41 -21.29 15.96
N ALA A 148 -9.23 -20.11 15.37
CA ALA A 148 -7.89 -19.55 15.25
C ALA A 148 -7.30 -19.24 16.62
N ILE A 149 -8.11 -18.75 17.55
CA ILE A 149 -7.64 -18.54 18.92
C ILE A 149 -7.29 -19.88 19.57
N ALA A 150 -8.19 -20.87 19.46
CA ALA A 150 -7.93 -22.17 20.07
C ALA A 150 -6.68 -22.82 19.49
N ASP A 151 -6.37 -22.53 18.22
CA ASP A 151 -5.15 -23.08 17.62
C ASP A 151 -3.90 -22.61 18.33
N LYS A 152 -3.93 -21.43 18.93
CA LYS A 152 -2.75 -20.90 19.57
C LYS A 152 -2.79 -20.93 21.09
N VAL A 153 -3.98 -20.96 21.70
CA VAL A 153 -4.14 -20.82 23.13
C VAL A 153 -4.58 -22.15 23.71
N GLN A 154 -3.84 -22.63 24.72
CA GLN A 154 -4.24 -23.83 25.44
C GLN A 154 -5.13 -23.54 26.64
N ASN A 155 -4.87 -22.45 27.37
CA ASN A 155 -5.54 -22.16 28.62
C ASN A 155 -6.46 -20.94 28.44
N TRP A 156 -7.75 -21.14 28.65
CA TRP A 156 -8.75 -20.10 28.44
C TRP A 156 -9.20 -19.44 29.74
N SER A 157 -8.51 -19.72 30.85
CA SER A 157 -8.94 -19.22 32.15
C SER A 157 -9.04 -17.70 32.18
N LYS A 158 -8.12 -17.02 31.49
CA LYS A 158 -8.06 -15.56 31.49
C LYS A 158 -8.43 -14.98 30.14
N ILE A 159 -9.28 -15.68 29.39
CA ILE A 159 -9.92 -15.15 28.17
C ILE A 159 -11.37 -14.84 28.51
N VAL A 160 -11.85 -13.70 28.01
CA VAL A 160 -13.26 -13.36 27.91
C VAL A 160 -13.56 -13.17 26.43
N ILE A 161 -14.64 -13.79 25.95
CA ILE A 161 -15.05 -13.64 24.55
C ILE A 161 -16.09 -12.53 24.45
N ALA A 162 -15.89 -11.61 23.51
CA ALA A 162 -16.86 -10.56 23.27
C ALA A 162 -17.43 -10.77 21.88
N TYR A 163 -18.72 -11.10 21.82
CA TYR A 163 -19.42 -11.19 20.55
C TYR A 163 -20.06 -9.83 20.27
N GLU A 164 -19.56 -9.14 19.24
CA GLU A 164 -20.10 -7.86 18.84
C GLU A 164 -20.45 -8.01 17.37
N PRO A 165 -21.73 -8.18 17.03
CA PRO A 165 -22.11 -8.17 15.62
C PRO A 165 -21.68 -6.84 15.02
N VAL A 166 -20.93 -6.91 13.92
CA VAL A 166 -20.39 -5.68 13.34
C VAL A 166 -21.53 -4.73 13.00
N TRP A 167 -22.65 -5.26 12.51
CA TRP A 167 -23.80 -4.44 12.17
C TRP A 167 -24.43 -3.75 13.37
N ALA A 168 -24.05 -4.11 14.60
CA ALA A 168 -24.57 -3.45 15.79
C ALA A 168 -23.60 -2.44 16.39
N ILE A 169 -22.40 -2.29 15.82
CA ILE A 169 -21.37 -1.43 16.40
C ILE A 169 -21.59 0.00 15.91
N GLY A 170 -21.92 0.90 16.85
CA GLY A 170 -22.10 2.30 16.56
C GLY A 170 -23.27 2.64 15.64
N THR A 171 -24.02 1.64 15.18
CA THR A 171 -25.16 1.84 14.30
C THR A 171 -26.47 2.07 15.04
N GLY A 172 -26.51 1.80 16.35
CA GLY A 172 -27.74 1.87 17.10
C GLY A 172 -28.65 0.66 16.98
N LYS A 173 -28.43 -0.22 16.01
CA LYS A 173 -29.23 -1.44 15.85
C LYS A 173 -28.67 -2.54 16.76
N THR A 174 -29.05 -2.47 18.04
CA THR A 174 -28.74 -3.54 18.96
C THR A 174 -29.34 -4.86 18.48
N ALA A 175 -28.55 -5.94 18.57
CA ALA A 175 -29.15 -7.25 18.47
C ALA A 175 -30.19 -7.39 19.56
N THR A 176 -31.32 -8.03 19.24
CA THR A 176 -32.21 -8.40 20.32
C THR A 176 -31.53 -9.48 21.17
N PRO A 177 -31.79 -9.51 22.47
CA PRO A 177 -31.25 -10.59 23.31
C PRO A 177 -31.51 -11.98 22.76
N GLU A 178 -32.66 -12.20 22.11
CA GLU A 178 -33.00 -13.51 21.58
C GLU A 178 -32.00 -13.95 20.52
N GLN A 179 -31.60 -13.03 19.62
CA GLN A 179 -30.53 -13.34 18.69
C GLN A 179 -29.19 -13.48 19.41
N ALA A 180 -28.92 -12.60 20.37
CA ALA A 180 -27.64 -12.68 21.08
C ALA A 180 -27.53 -14.00 21.84
N GLN A 181 -28.59 -14.40 22.53
CA GLN A 181 -28.61 -15.66 23.27
C GLN A 181 -28.23 -16.84 22.39
N GLU A 182 -28.82 -16.92 21.18
CA GLU A 182 -28.58 -18.10 20.35
C GLU A 182 -27.19 -18.11 19.77
N VAL A 183 -26.62 -16.93 19.43
CA VAL A 183 -25.22 -16.90 19.03
C VAL A 183 -24.34 -17.33 20.20
N HIS A 184 -24.63 -16.83 21.40
CA HIS A 184 -23.79 -17.20 22.54
C HIS A 184 -23.95 -18.67 22.86
N ALA A 185 -25.16 -19.21 22.71
CA ALA A 185 -25.37 -20.64 22.90
C ALA A 185 -24.54 -21.44 21.90
N GLU A 186 -24.44 -20.96 20.65
CA GLU A 186 -23.59 -21.64 19.69
C GLU A 186 -22.12 -21.51 20.06
N ILE A 187 -21.72 -20.33 20.56
CA ILE A 187 -20.34 -20.16 21.02
C ILE A 187 -20.03 -21.12 22.15
N ARG A 188 -20.97 -21.28 23.10
CA ARG A 188 -20.73 -22.21 24.19
C ARG A 188 -20.76 -23.65 23.71
N LYS A 189 -21.61 -23.96 22.73
CA LYS A 189 -21.59 -25.28 22.11
C LYS A 189 -20.23 -25.55 21.47
N TRP A 190 -19.69 -24.56 20.74
CA TRP A 190 -18.37 -24.70 20.15
C TRP A 190 -17.30 -24.93 21.22
N ALA A 191 -17.37 -24.18 22.31
CA ALA A 191 -16.34 -24.32 23.35
C ALA A 191 -16.43 -25.68 24.03
N THR A 192 -17.64 -26.18 24.23
CA THR A 192 -17.81 -27.50 24.82
C THR A 192 -17.11 -28.55 23.97
N ASN A 193 -17.33 -28.50 22.66
CA ASN A 193 -16.73 -29.50 21.77
C ASN A 193 -15.22 -29.32 21.67
N LYS A 194 -14.75 -28.08 21.61
CA LYS A 194 -13.33 -27.83 21.41
C LYS A 194 -12.54 -27.91 22.71
N LEU A 195 -13.08 -27.35 23.80
CA LEU A 195 -12.32 -27.20 25.05
C LEU A 195 -12.84 -28.04 26.20
N GLY A 196 -13.96 -28.72 26.02
CA GLY A 196 -14.47 -29.49 27.13
C GLY A 196 -15.53 -28.72 27.90
N ALA A 197 -16.47 -29.47 28.48
CA ALA A 197 -17.60 -28.86 29.18
C ALA A 197 -17.13 -27.99 30.34
N SER A 198 -16.11 -28.43 31.07
CA SER A 198 -15.65 -27.67 32.22
C SER A 198 -15.15 -26.29 31.81
N VAL A 199 -14.31 -26.22 30.78
CA VAL A 199 -13.83 -24.91 30.33
C VAL A 199 -14.99 -24.10 29.76
N ALA A 200 -15.87 -24.74 29.00
CA ALA A 200 -16.97 -24.03 28.38
C ALA A 200 -17.87 -23.38 29.43
N GLU A 201 -18.11 -24.09 30.53
CA GLU A 201 -19.01 -23.60 31.56
C GLU A 201 -18.44 -22.43 32.35
N GLY A 202 -17.11 -22.27 32.37
CA GLY A 202 -16.50 -21.12 33.01
C GLY A 202 -16.20 -19.95 32.09
N LEU A 203 -16.45 -20.09 30.78
CA LEU A 203 -16.04 -19.08 29.81
C LEU A 203 -17.07 -17.94 29.75
N ARG A 204 -16.63 -16.73 30.05
CA ARG A 204 -17.49 -15.56 29.87
C ARG A 204 -17.63 -15.22 28.38
N VAL A 205 -18.87 -15.18 27.89
CA VAL A 205 -19.19 -14.69 26.55
C VAL A 205 -20.05 -13.45 26.75
N ILE A 206 -19.51 -12.27 26.41
CA ILE A 206 -20.20 -11.00 26.65
C ILE A 206 -20.69 -10.42 25.34
N TYR A 207 -21.81 -9.69 25.41
CA TYR A 207 -22.40 -9.10 24.23
C TYR A 207 -21.93 -7.66 24.09
N GLY A 208 -21.52 -7.28 22.90
CA GLY A 208 -21.27 -5.89 22.59
C GLY A 208 -22.04 -5.46 21.34
N GLY A 209 -22.32 -4.15 21.28
CA GLY A 209 -22.99 -3.59 20.12
C GLY A 209 -24.21 -2.76 20.46
N SER A 210 -24.03 -1.47 20.68
CA SER A 210 -25.12 -0.55 20.99
C SER A 210 -25.81 -0.92 22.29
N VAL A 211 -25.02 -1.37 23.27
CA VAL A 211 -25.51 -1.54 24.62
C VAL A 211 -25.57 -0.18 25.30
N ASN A 212 -26.72 0.14 25.87
CA ASN A 212 -26.88 1.41 26.58
C ASN A 212 -27.74 1.18 27.81
N GLY A 213 -27.84 2.22 28.64
CA GLY A 213 -28.57 2.14 29.88
C GLY A 213 -30.04 1.80 29.71
N GLY A 214 -30.56 1.95 28.51
CA GLY A 214 -31.97 1.69 28.25
C GLY A 214 -32.30 0.30 27.75
N ASN A 215 -31.33 -0.40 27.15
CA ASN A 215 -31.57 -1.78 26.71
C ASN A 215 -30.80 -2.81 27.53
N ALA A 216 -30.04 -2.39 28.53
CA ALA A 216 -29.18 -3.33 29.26
C ALA A 216 -29.99 -4.40 29.98
N LYS A 217 -31.01 -3.99 30.72
CA LYS A 217 -31.76 -4.91 31.58
C LYS A 217 -32.29 -6.10 30.80
N GLU A 218 -32.80 -5.87 29.59
CA GLU A 218 -33.46 -6.92 28.84
C GLU A 218 -32.54 -8.12 28.62
N PHE A 219 -31.22 -7.89 28.58
CA PHE A 219 -30.29 -8.98 28.33
C PHE A 219 -30.12 -9.91 29.51
N LEU A 220 -30.35 -9.41 30.74
CA LEU A 220 -30.00 -10.16 31.94
C LEU A 220 -30.80 -11.44 32.12
N LYS A 221 -31.90 -11.62 31.39
CA LYS A 221 -32.72 -12.80 31.52
C LYS A 221 -32.20 -14.00 30.74
N PHE A 222 -31.10 -13.85 30.00
CA PHE A 222 -30.64 -14.87 29.07
C PHE A 222 -29.33 -15.44 29.59
N HIS A 223 -29.28 -16.77 29.77
CA HIS A 223 -28.28 -17.38 30.64
C HIS A 223 -26.91 -17.58 29.99
N ASP A 224 -26.78 -17.44 28.68
CA ASP A 224 -25.46 -17.52 28.05
C ASP A 224 -24.86 -16.17 27.73
N ILE A 225 -25.51 -15.07 28.13
CA ILE A 225 -24.95 -13.74 27.99
C ILE A 225 -24.35 -13.38 29.33
N ASP A 226 -23.02 -13.29 29.39
CA ASP A 226 -22.32 -13.16 30.66
C ASP A 226 -21.84 -11.75 30.93
N GLY A 227 -22.32 -10.77 30.18
CA GLY A 227 -21.96 -9.40 30.42
C GLY A 227 -21.99 -8.59 29.13
N PHE A 228 -21.36 -7.42 29.19
CA PHE A 228 -21.41 -6.44 28.11
C PHE A 228 -20.02 -5.90 27.82
N LEU A 229 -19.78 -5.63 26.54
CA LEU A 229 -18.70 -4.74 26.11
C LEU A 229 -19.39 -3.48 25.59
N VAL A 230 -19.33 -2.41 26.37
CA VAL A 230 -20.06 -1.17 26.10
C VAL A 230 -19.16 -0.21 25.34
N GLY A 231 -19.69 0.36 24.26
CA GLY A 231 -18.94 1.31 23.46
C GLY A 231 -19.23 2.75 23.84
N GLY A 232 -19.95 3.47 22.98
CA GLY A 232 -20.17 4.90 23.19
C GLY A 232 -20.77 5.23 24.55
N ALA A 233 -21.69 4.39 25.05
CA ALA A 233 -22.30 4.64 26.35
C ALA A 233 -21.29 4.62 27.49
N SER A 234 -20.11 4.01 27.31
CA SER A 234 -19.16 3.95 28.41
C SER A 234 -18.55 5.32 28.73
N LEU A 235 -18.67 6.28 27.81
CA LEU A 235 -18.24 7.66 28.03
C LEU A 235 -19.31 8.53 28.69
N LYS A 236 -20.46 7.95 29.02
CA LYS A 236 -21.62 8.69 29.48
C LYS A 236 -21.99 8.27 30.89
N PRO A 237 -22.73 9.11 31.62
CA PRO A 237 -23.10 8.77 33.00
C PRO A 237 -23.93 7.51 33.10
N GLU A 238 -24.65 7.15 32.04
CA GLU A 238 -25.49 5.94 32.06
C GLU A 238 -24.67 4.66 32.20
N PHE A 239 -23.38 4.69 31.85
CA PHE A 239 -22.49 3.57 32.17
C PHE A 239 -22.58 3.20 33.64
N HIS A 240 -22.86 4.17 34.51
CA HIS A 240 -23.01 3.86 35.93
C HIS A 240 -24.16 2.91 36.19
N ASN A 241 -25.21 2.95 35.36
CA ASN A 241 -26.27 1.92 35.40
C ASN A 241 -25.75 0.58 34.96
N ILE A 242 -25.22 0.51 33.73
CA ILE A 242 -24.86 -0.76 33.12
C ILE A 242 -23.90 -1.52 34.02
N VAL A 243 -22.95 -0.81 34.65
CA VAL A 243 -21.96 -1.46 35.49
C VAL A 243 -22.59 -2.08 36.73
N ASN A 244 -23.67 -1.48 37.24
CA ASN A 244 -24.29 -1.92 38.49
C ASN A 244 -25.58 -2.70 38.28
N VAL A 245 -26.11 -2.75 37.05
CA VAL A 245 -27.48 -3.21 36.86
C VAL A 245 -27.62 -4.70 37.17
N HIS A 246 -26.55 -5.48 37.02
CA HIS A 246 -26.61 -6.88 37.40
C HIS A 246 -26.83 -7.05 38.90
N SER A 247 -26.31 -6.13 39.71
CA SER A 247 -26.33 -6.27 41.16
C SER A 247 -27.58 -5.69 41.80
N LEU A 248 -28.48 -5.11 41.02
CA LEU A 248 -29.68 -4.48 41.55
C LEU A 248 -30.64 -5.51 42.18
N ALA B 2 19.36 29.17 7.94
CA ALA B 2 20.00 28.22 8.84
C ALA B 2 18.96 27.38 9.58
N ARG B 3 18.94 26.08 9.28
CA ARG B 3 17.98 25.17 9.90
C ARG B 3 18.45 24.75 11.28
N LYS B 4 17.52 24.77 12.25
CA LYS B 4 17.86 24.43 13.62
C LYS B 4 18.12 22.93 13.77
N PHE B 5 19.24 22.60 14.39
CA PHE B 5 19.58 21.23 14.73
C PHE B 5 18.40 20.55 15.43
N PHE B 6 18.04 19.36 14.96
CA PHE B 6 16.88 18.63 15.47
C PHE B 6 17.32 17.21 15.86
N VAL B 7 17.02 16.82 17.10
CA VAL B 7 17.32 15.47 17.57
C VAL B 7 16.05 14.88 18.17
N GLY B 8 15.51 13.84 17.52
CA GLY B 8 14.39 13.10 18.04
C GLY B 8 14.86 11.77 18.60
N GLY B 9 14.23 11.33 19.68
CA GLY B 9 14.53 10.02 20.22
C GLY B 9 13.32 9.12 20.20
N ASN B 10 13.36 8.09 19.35
CA ASN B 10 12.24 7.18 19.16
C ASN B 10 12.48 5.96 20.04
N PHE B 11 11.74 5.85 21.15
CA PHE B 11 11.92 4.74 22.07
C PHE B 11 11.36 3.42 21.55
N LYS B 12 10.52 3.46 20.51
CA LYS B 12 9.88 2.27 19.91
C LYS B 12 9.06 1.57 20.99
N MET B 13 8.87 0.26 20.87
CA MET B 13 7.97 -0.47 21.77
C MET B 13 8.76 -1.03 22.94
N ASN B 14 9.28 -0.09 23.74
CA ASN B 14 10.14 -0.38 24.87
C ASN B 14 9.66 0.43 26.08
N GLY B 15 10.08 -0.02 27.25
CA GLY B 15 9.84 0.78 28.45
C GLY B 15 9.33 -0.04 29.61
N SER B 16 9.72 0.37 30.81
CA SER B 16 9.09 0.01 32.07
C SER B 16 8.93 1.31 32.85
N LEU B 17 8.19 1.26 33.95
CA LEU B 17 8.08 2.46 34.77
C LEU B 17 9.46 2.93 35.21
N GLU B 18 10.32 1.96 35.58
CA GLU B 18 11.66 2.29 36.08
C GLU B 18 12.53 2.85 34.95
N SER B 19 12.51 2.23 33.78
CA SER B 19 13.38 2.73 32.72
C SER B 19 12.92 4.07 32.19
N MET B 20 11.61 4.33 32.19
CA MET B 20 11.19 5.65 31.75
C MET B 20 11.44 6.73 32.79
N LYS B 21 11.36 6.40 34.07
CA LYS B 21 11.79 7.37 35.08
C LYS B 21 13.25 7.72 34.88
N THR B 22 14.08 6.70 34.64
CA THR B 22 15.52 6.93 34.50
C THR B 22 15.80 7.78 33.27
N ILE B 23 15.18 7.46 32.13
CA ILE B 23 15.42 8.22 30.92
C ILE B 23 15.02 9.67 31.11
N ILE B 24 13.83 9.87 31.69
CA ILE B 24 13.30 11.23 31.84
C ILE B 24 14.15 12.03 32.82
N GLU B 25 14.50 11.44 33.97
CA GLU B 25 15.37 12.18 34.90
C GLU B 25 16.73 12.47 34.27
N GLY B 26 17.22 11.57 33.42
CA GLY B 26 18.45 11.86 32.69
C GLY B 26 18.33 13.10 31.82
N LEU B 27 17.25 13.21 31.07
CA LEU B 27 17.03 14.37 30.21
C LEU B 27 16.82 15.65 31.01
N ASN B 28 16.22 15.55 32.19
CA ASN B 28 15.98 16.73 33.01
C ASN B 28 17.27 17.33 33.57
N THR B 29 18.32 16.53 33.71
CA THR B 29 19.57 17.02 34.27
C THR B 29 20.66 17.25 33.24
N THR B 30 20.40 17.00 31.95
CA THR B 30 21.39 17.31 30.91
C THR B 30 21.38 18.81 30.64
N LYS B 31 22.57 19.37 30.41
CA LYS B 31 22.69 20.79 30.09
C LYS B 31 22.26 20.99 28.64
N LEU B 32 21.05 21.52 28.44
CA LEU B 32 20.48 21.77 27.12
C LEU B 32 20.65 23.24 26.75
N ASN B 33 21.29 23.49 25.60
CA ASN B 33 21.22 24.79 24.97
C ASN B 33 20.03 24.74 24.03
N VAL B 34 18.87 25.21 24.49
CA VAL B 34 17.67 25.09 23.69
C VAL B 34 17.74 25.94 22.44
N GLY B 35 18.64 26.93 22.41
CA GLY B 35 18.74 27.81 21.27
C GLY B 35 19.30 27.13 20.04
N ASP B 36 20.09 26.08 20.21
CA ASP B 36 20.73 25.45 19.07
C ASP B 36 20.35 23.97 18.91
N VAL B 37 19.40 23.45 19.68
CA VAL B 37 18.89 22.11 19.43
C VAL B 37 17.42 22.02 19.81
N GLU B 38 16.61 21.48 18.90
CA GLU B 38 15.22 21.12 19.15
C GLU B 38 15.21 19.64 19.50
N THR B 39 14.93 19.33 20.76
CA THR B 39 14.99 17.96 21.28
C THR B 39 13.57 17.45 21.51
N VAL B 40 13.29 16.24 21.03
CA VAL B 40 11.98 15.61 21.20
C VAL B 40 12.17 14.14 21.52
N ILE B 41 11.38 13.61 22.47
CA ILE B 41 11.35 12.17 22.69
C ILE B 41 9.97 11.64 22.34
N PHE B 42 9.95 10.41 21.82
CA PHE B 42 8.75 9.75 21.33
C PHE B 42 8.60 8.44 22.11
N PRO B 43 7.96 8.46 23.27
CA PRO B 43 7.84 7.24 24.08
C PRO B 43 6.70 6.35 23.60
N GLN B 44 6.76 5.10 24.06
CA GLN B 44 5.65 4.18 23.81
C GLN B 44 4.35 4.80 24.29
N ASN B 45 3.25 4.49 23.58
CA ASN B 45 1.99 5.25 23.70
C ASN B 45 1.57 5.42 25.16
N MET B 46 1.61 4.35 25.94
CA MET B 46 1.07 4.40 27.29
C MET B 46 1.78 5.42 28.18
N TYR B 47 3.00 5.82 27.83
CA TYR B 47 3.77 6.75 28.67
C TYR B 47 3.62 8.19 28.24
N LEU B 48 2.78 8.49 27.24
CA LEU B 48 2.80 9.82 26.64
C LEU B 48 2.49 10.92 27.66
N ILE B 49 1.40 10.78 28.41
CA ILE B 49 1.00 11.85 29.31
C ILE B 49 1.99 11.98 30.46
N THR B 50 2.37 10.88 31.10
CA THR B 50 3.29 10.97 32.22
C THR B 50 4.65 11.48 31.76
N THR B 51 5.05 11.18 30.53
CA THR B 51 6.31 11.73 30.04
C THR B 51 6.22 13.23 29.89
N ARG B 52 5.11 13.73 29.34
CA ARG B 52 4.94 15.17 29.22
C ARG B 52 4.88 15.85 30.59
N GLN B 53 4.25 15.20 31.57
CA GLN B 53 4.18 15.77 32.91
C GLN B 53 5.56 15.87 33.55
N GLN B 54 6.44 14.89 33.27
CA GLN B 54 7.66 14.74 34.06
C GLN B 54 8.90 15.32 33.42
N VAL B 55 8.96 15.43 32.08
CA VAL B 55 10.15 15.95 31.40
C VAL B 55 10.02 17.46 31.25
N LYS B 56 11.15 18.16 31.36
CA LYS B 56 11.12 19.61 31.40
C LYS B 56 10.63 20.20 30.07
N LYS B 57 10.10 21.43 30.16
CA LYS B 57 9.40 22.04 29.04
C LYS B 57 10.29 22.20 27.81
N ASP B 58 11.61 22.31 28.01
CA ASP B 58 12.55 22.50 26.90
C ASP B 58 12.67 21.27 26.00
N ILE B 59 12.15 20.12 26.42
CA ILE B 59 12.16 18.90 25.62
C ILE B 59 10.74 18.63 25.16
N GLY B 60 10.56 18.45 23.85
CA GLY B 60 9.25 18.09 23.33
C GLY B 60 8.93 16.62 23.57
N VAL B 61 7.64 16.30 23.56
CA VAL B 61 7.16 14.93 23.60
C VAL B 61 6.29 14.68 22.38
N GLY B 62 6.48 13.54 21.72
CA GLY B 62 5.69 13.19 20.56
C GLY B 62 5.20 11.76 20.62
N ALA B 63 4.11 11.52 19.91
CA ALA B 63 3.61 10.17 19.71
C ALA B 63 4.38 9.45 18.62
N GLN B 64 4.39 8.13 18.69
CA GLN B 64 5.03 7.27 17.69
C GLN B 64 4.14 7.02 16.48
N ASN B 65 2.88 7.41 16.56
CA ASN B 65 1.91 7.21 15.48
C ASN B 65 0.65 7.96 15.85
N VAL B 66 -0.14 8.28 14.84
CA VAL B 66 -1.44 8.90 15.06
C VAL B 66 -2.37 8.44 13.94
N PHE B 67 -3.66 8.40 14.24
CA PHE B 67 -4.68 8.17 13.22
C PHE B 67 -4.96 9.47 12.46
N ASP B 68 -5.69 9.37 11.35
CA ASP B 68 -5.90 10.53 10.48
C ASP B 68 -7.25 11.20 10.66
N LYS B 69 -8.05 10.78 11.66
CA LYS B 69 -9.41 11.27 11.81
C LYS B 69 -9.62 11.90 13.18
N LYS B 70 -10.70 12.66 13.28
CA LYS B 70 -11.13 13.24 14.54
C LYS B 70 -11.54 12.13 15.50
N ASN B 71 -11.65 12.48 16.78
CA ASN B 71 -12.03 11.53 17.82
C ASN B 71 -13.25 10.70 17.38
N GLY B 72 -13.20 9.40 17.62
CA GLY B 72 -14.26 8.52 17.16
C GLY B 72 -13.93 7.06 17.38
N ALA B 73 -14.61 6.20 16.61
CA ALA B 73 -14.67 4.76 16.91
C ALA B 73 -13.56 4.01 16.18
N TYR B 74 -12.32 4.23 16.66
CA TYR B 74 -11.12 3.62 16.07
C TYR B 74 -10.32 2.96 17.20
N THR B 75 -10.83 1.85 17.70
CA THR B 75 -10.23 1.19 18.85
C THR B 75 -8.75 0.91 18.62
N GLY B 76 -7.92 1.28 19.59
CA GLY B 76 -6.50 1.01 19.53
C GLY B 76 -5.65 2.16 19.02
N GLU B 77 -6.26 3.21 18.48
CA GLU B 77 -5.54 4.30 17.81
C GLU B 77 -5.25 5.48 18.74
N ASN B 78 -4.25 6.28 18.37
CA ASN B 78 -3.97 7.57 19.01
C ASN B 78 -4.63 8.71 18.24
N SER B 79 -5.36 9.57 18.96
CA SER B 79 -6.02 10.73 18.36
C SER B 79 -5.10 11.94 18.39
N ALA B 80 -4.98 12.62 17.25
CA ALA B 80 -4.21 13.86 17.20
C ALA B 80 -4.79 14.92 18.12
N GLN B 81 -6.13 15.03 18.17
CA GLN B 81 -6.76 16.00 19.06
C GLN B 81 -6.45 15.70 20.52
N SER B 82 -6.54 14.42 20.91
CA SER B 82 -6.26 14.05 22.29
C SER B 82 -4.80 14.33 22.65
N LEU B 83 -3.89 14.06 21.71
CA LEU B 83 -2.46 14.25 21.95
C LEU B 83 -2.16 15.70 22.34
N ILE B 84 -2.58 16.65 21.51
CA ILE B 84 -2.19 18.03 21.77
C ILE B 84 -2.98 18.62 22.93
N ASP B 85 -4.17 18.08 23.21
CA ASP B 85 -4.89 18.49 24.40
C ASP B 85 -4.10 18.19 25.69
N ALA B 86 -3.27 17.14 25.68
CA ALA B 86 -2.44 16.83 26.83
C ALA B 86 -1.04 17.40 26.72
N GLY B 87 -0.77 18.23 25.72
CA GLY B 87 0.53 18.86 25.58
C GLY B 87 1.56 18.07 24.80
N ILE B 88 1.16 17.00 24.12
CA ILE B 88 2.02 16.26 23.21
C ILE B 88 1.92 16.96 21.85
N THR B 89 3.01 17.60 21.44
CA THR B 89 3.00 18.55 20.32
C THR B 89 3.72 18.02 19.09
N TYR B 90 4.17 16.78 19.11
CA TYR B 90 4.85 16.18 17.97
C TYR B 90 4.24 14.82 17.67
N THR B 91 4.48 14.34 16.46
CA THR B 91 4.20 12.94 16.18
C THR B 91 5.07 12.48 15.02
N LEU B 92 5.45 11.22 15.07
CA LEU B 92 5.95 10.50 13.91
C LEU B 92 4.79 10.11 13.01
N THR B 93 5.02 10.14 11.70
CA THR B 93 4.15 9.46 10.76
C THR B 93 5.03 8.67 9.78
N GLY B 94 4.52 7.53 9.34
CA GLY B 94 5.19 6.74 8.31
C GLY B 94 6.50 6.11 8.70
N HIS B 95 6.76 5.89 9.99
CA HIS B 95 7.98 5.20 10.36
C HIS B 95 8.07 3.88 9.60
N SER B 96 9.29 3.51 9.21
CA SER B 96 9.47 2.30 8.40
C SER B 96 8.83 1.08 9.03
N GLU B 97 8.83 1.00 10.37
CA GLU B 97 8.24 -0.19 11.00
C GLU B 97 6.74 -0.22 10.80
N ARG B 98 6.11 0.96 10.64
CA ARG B 98 4.68 0.98 10.36
C ARG B 98 4.39 0.79 8.88
N ARG B 99 5.25 1.31 8.00
CA ARG B 99 5.08 1.07 6.58
C ARG B 99 5.26 -0.40 6.24
N THR B 100 6.18 -1.09 6.92
CA THR B 100 6.42 -2.49 6.61
C THR B 100 5.49 -3.43 7.38
N ILE B 101 5.52 -3.41 8.72
CA ILE B 101 4.74 -4.39 9.47
C ILE B 101 3.24 -4.16 9.30
N PHE B 102 2.80 -2.90 9.34
CA PHE B 102 1.37 -2.62 9.29
C PHE B 102 0.93 -2.09 7.93
N LYS B 103 1.83 -2.14 6.94
CA LYS B 103 1.53 -1.78 5.55
C LYS B 103 0.80 -0.44 5.44
N GLU B 104 1.24 0.56 6.21
CA GLU B 104 0.68 1.90 6.06
C GLU B 104 1.05 2.44 4.68
N SER B 105 0.05 2.83 3.88
CA SER B 105 0.32 3.29 2.52
C SER B 105 0.89 4.71 2.54
N ASP B 106 1.50 5.09 1.41
CA ASP B 106 1.96 6.47 1.21
C ASP B 106 0.83 7.45 1.49
N GLU B 107 -0.38 7.12 1.01
CA GLU B 107 -1.50 8.03 1.12
C GLU B 107 -2.00 8.11 2.55
N PHE B 108 -2.01 6.99 3.27
CA PHE B 108 -2.40 7.00 4.67
C PHE B 108 -1.43 7.85 5.50
N VAL B 109 -0.13 7.70 5.24
CA VAL B 109 0.87 8.52 5.92
C VAL B 109 0.64 10.01 5.63
N ALA B 110 0.33 10.34 4.38
CA ALA B 110 0.05 11.73 4.04
C ALA B 110 -1.18 12.25 4.76
N ASP B 111 -2.26 11.46 4.81
CA ASP B 111 -3.47 11.94 5.47
C ASP B 111 -3.26 12.15 6.96
N LYS B 112 -2.52 11.24 7.62
CA LYS B 112 -2.20 11.44 9.03
C LYS B 112 -1.42 12.72 9.24
N THR B 113 -0.42 12.94 8.38
CA THR B 113 0.40 14.15 8.45
C THR B 113 -0.45 15.41 8.33
N LYS B 114 -1.29 15.47 7.30
CA LYS B 114 -2.15 16.63 7.09
C LYS B 114 -3.03 16.89 8.30
N PHE B 115 -3.67 15.84 8.83
CA PHE B 115 -4.57 16.02 9.95
C PHE B 115 -3.81 16.46 11.21
N ALA B 116 -2.70 15.78 11.51
CA ALA B 116 -1.89 16.16 12.66
C ALA B 116 -1.45 17.62 12.57
N LEU B 117 -1.03 18.05 11.38
CA LEU B 117 -0.63 19.45 11.19
C LEU B 117 -1.79 20.40 11.47
N GLU B 118 -2.98 20.09 10.94
CA GLU B 118 -4.12 20.96 11.14
C GLU B 118 -4.49 21.08 12.61
N GLN B 119 -4.31 20.00 13.37
CA GLN B 119 -4.61 19.97 14.79
C GLN B 119 -3.52 20.61 15.64
N GLY B 120 -2.42 21.06 15.05
CA GLY B 120 -1.43 21.85 15.74
C GLY B 120 -0.12 21.17 16.08
N LEU B 121 0.10 19.95 15.59
CA LEU B 121 1.29 19.17 15.89
C LEU B 121 2.39 19.45 14.87
N THR B 122 3.64 19.26 15.30
CA THR B 122 4.76 19.14 14.39
C THR B 122 4.89 17.67 13.99
N VAL B 123 5.08 17.40 12.71
CA VAL B 123 5.11 16.02 12.23
C VAL B 123 6.51 15.69 11.75
N VAL B 124 7.07 14.60 12.28
CA VAL B 124 8.30 14.03 11.74
C VAL B 124 7.85 12.93 10.77
N ALA B 125 7.88 13.24 9.48
CA ALA B 125 7.40 12.32 8.46
C ALA B 125 8.58 11.48 7.99
N CYS B 126 8.46 10.17 8.13
CA CYS B 126 9.56 9.25 7.90
C CYS B 126 9.44 8.63 6.52
N ILE B 127 10.57 8.50 5.83
CA ILE B 127 10.63 7.93 4.48
C ILE B 127 11.87 7.04 4.41
N GLY B 128 11.98 6.28 3.33
CA GLY B 128 13.19 5.50 3.12
C GLY B 128 12.93 4.22 2.34
N GLU B 129 13.97 3.74 1.67
CA GLU B 129 13.87 2.62 0.73
C GLU B 129 14.47 1.35 1.32
N THR B 130 13.92 0.21 0.90
CA THR B 130 14.43 -1.09 1.28
C THR B 130 15.63 -1.47 0.43
N LEU B 131 16.23 -2.62 0.75
CA LEU B 131 17.43 -3.03 0.02
C LEU B 131 17.12 -3.36 -1.43
N ALA B 132 15.98 -4.03 -1.68
CA ALA B 132 15.58 -4.29 -3.05
C ALA B 132 15.38 -3.00 -3.83
N GLU B 133 14.83 -1.97 -3.17
CA GLU B 133 14.61 -0.69 -3.84
C GLU B 133 15.91 0.07 -4.05
N ARG B 134 16.91 -0.17 -3.19
CA ARG B 134 18.19 0.52 -3.30
C ARG B 134 18.94 0.14 -4.58
N GLU B 135 18.72 -1.07 -5.09
CA GLU B 135 19.42 -1.53 -6.29
C GLU B 135 19.40 -0.47 -7.38
N ALA B 136 18.22 0.07 -7.69
CA ALA B 136 18.10 1.11 -8.71
C ALA B 136 17.11 2.22 -8.42
N ASN B 137 16.33 2.16 -7.35
CA ASN B 137 15.15 3.03 -7.20
C ASN B 137 15.16 3.89 -5.94
N THR B 138 16.33 4.26 -5.43
CA THR B 138 16.35 5.03 -4.18
C THR B 138 15.65 6.38 -4.34
N ILE B 139 16.06 7.16 -5.36
CA ILE B 139 15.42 8.44 -5.63
C ILE B 139 13.93 8.27 -5.87
N ASN B 140 13.57 7.36 -6.78
CA ASN B 140 12.15 7.16 -7.10
C ASN B 140 11.32 6.84 -5.86
N VAL B 141 11.88 6.10 -4.91
CA VAL B 141 11.09 5.71 -3.74
C VAL B 141 10.86 6.91 -2.83
N VAL B 142 11.93 7.61 -2.43
CA VAL B 142 11.71 8.73 -1.50
C VAL B 142 10.88 9.82 -2.18
N VAL B 143 11.10 10.04 -3.47
CA VAL B 143 10.31 11.02 -4.20
C VAL B 143 8.83 10.64 -4.19
N ARG B 144 8.53 9.36 -4.37
CA ARG B 144 7.13 8.94 -4.36
C ARG B 144 6.51 9.10 -2.98
N GLN B 145 7.26 8.71 -1.94
CA GLN B 145 6.79 8.87 -0.57
C GLN B 145 6.54 10.34 -0.25
N LEU B 146 7.47 11.21 -0.65
CA LEU B 146 7.34 12.65 -0.37
C LEU B 146 6.21 13.28 -1.17
N ASN B 147 6.03 12.85 -2.43
CA ASN B 147 4.96 13.38 -3.28
C ASN B 147 3.58 13.11 -2.68
N ALA B 148 3.38 11.93 -2.11
CA ALA B 148 2.11 11.64 -1.46
C ALA B 148 1.83 12.64 -0.36
N ILE B 149 2.86 13.01 0.40
CA ILE B 149 2.65 14.02 1.44
C ILE B 149 2.39 15.38 0.82
N ALA B 150 3.15 15.74 -0.22
CA ALA B 150 2.95 17.04 -0.88
C ALA B 150 1.53 17.17 -1.45
N ASP B 151 0.95 16.08 -1.96
CA ASP B 151 -0.43 16.13 -2.44
C ASP B 151 -1.44 16.55 -1.37
N LYS B 152 -1.15 16.32 -0.09
CA LYS B 152 -2.13 16.63 0.95
C LYS B 152 -1.76 17.81 1.82
N VAL B 153 -0.50 18.24 1.81
CA VAL B 153 -0.01 19.21 2.77
C VAL B 153 0.46 20.45 2.02
N GLN B 154 -0.11 21.61 2.36
CA GLN B 154 0.32 22.89 1.80
C GLN B 154 1.51 23.48 2.54
N ASN B 155 1.47 23.49 3.88
CA ASN B 155 2.43 24.18 4.71
C ASN B 155 3.40 23.17 5.31
N TRP B 156 4.69 23.33 5.00
CA TRP B 156 5.74 22.43 5.50
C TRP B 156 6.57 23.03 6.63
N SER B 157 6.16 24.16 7.22
CA SER B 157 6.98 24.78 8.26
C SER B 157 7.09 23.88 9.49
N LYS B 158 6.09 23.05 9.74
CA LYS B 158 6.07 22.15 10.89
C LYS B 158 6.19 20.70 10.48
N ILE B 159 6.84 20.42 9.36
CA ILE B 159 7.26 19.09 8.96
C ILE B 159 8.77 19.02 9.12
N VAL B 160 9.27 17.91 9.65
CA VAL B 160 10.67 17.56 9.44
C VAL B 160 10.69 16.17 8.85
N ILE B 161 11.56 15.96 7.88
CA ILE B 161 11.65 14.69 7.16
C ILE B 161 12.74 13.87 7.81
N ALA B 162 12.44 12.61 8.10
CA ALA B 162 13.44 11.68 8.63
C ALA B 162 13.73 10.63 7.56
N TYR B 163 14.98 10.53 7.13
CA TYR B 163 15.38 9.51 6.17
C TYR B 163 15.87 8.28 6.91
N GLU B 164 15.17 7.15 6.73
CA GLU B 164 15.57 5.88 7.29
C GLU B 164 16.23 5.02 6.23
N PRO B 165 17.48 4.61 6.38
CA PRO B 165 18.08 3.64 5.43
C PRO B 165 17.65 2.21 5.76
N VAL B 166 16.40 1.89 5.40
CA VAL B 166 15.83 0.59 5.68
C VAL B 166 16.69 -0.52 5.09
N TRP B 167 17.33 -0.25 3.95
CA TRP B 167 18.20 -1.22 3.30
C TRP B 167 19.35 -1.67 4.20
N ALA B 168 19.75 -0.85 5.17
CA ALA B 168 20.88 -1.17 6.03
C ALA B 168 20.46 -1.79 7.37
N ILE B 169 19.17 -2.10 7.53
CA ILE B 169 18.66 -2.65 8.78
C ILE B 169 18.71 -4.16 8.69
N GLY B 170 19.45 -4.79 9.60
CA GLY B 170 19.55 -6.23 9.63
C GLY B 170 20.13 -6.86 8.39
N THR B 171 20.92 -6.10 7.62
CA THR B 171 21.52 -6.61 6.39
C THR B 171 23.04 -6.63 6.44
N GLY B 172 23.63 -6.50 7.62
CA GLY B 172 25.08 -6.48 7.75
C GLY B 172 25.69 -5.19 7.24
N LYS B 173 24.97 -4.51 6.34
CA LYS B 173 25.45 -3.26 5.76
C LYS B 173 25.30 -2.13 6.77
N THR B 174 26.41 -1.46 7.06
CA THR B 174 26.38 -0.24 7.86
C THR B 174 26.32 0.95 6.91
N ALA B 175 25.25 1.75 7.01
CA ALA B 175 25.12 2.92 6.17
C ALA B 175 26.13 3.98 6.59
N THR B 176 26.98 4.40 5.65
CA THR B 176 28.03 5.38 5.93
C THR B 176 27.49 6.79 5.81
N PRO B 177 28.13 7.76 6.46
CA PRO B 177 27.68 9.15 6.32
C PRO B 177 27.64 9.65 4.89
N GLU B 178 28.58 9.23 4.05
CA GLU B 178 28.54 9.63 2.63
C GLU B 178 27.27 9.12 1.96
N GLN B 179 26.87 7.88 2.26
CA GLN B 179 25.65 7.32 1.67
C GLN B 179 24.42 8.07 2.13
N ALA B 180 24.42 8.48 3.40
CA ALA B 180 23.33 9.30 3.92
C ALA B 180 23.29 10.65 3.21
N GLN B 181 24.45 11.31 3.11
CA GLN B 181 24.53 12.60 2.45
C GLN B 181 23.96 12.55 1.03
N GLU B 182 24.28 11.49 0.28
CA GLU B 182 23.74 11.33 -1.07
C GLU B 182 22.22 11.41 -1.08
N VAL B 183 21.55 10.68 -0.18
CA VAL B 183 20.09 10.69 -0.17
C VAL B 183 19.55 12.02 0.33
N HIS B 184 20.16 12.59 1.37
CA HIS B 184 19.68 13.86 1.89
C HIS B 184 19.75 14.95 0.82
N ALA B 185 20.85 14.99 0.07
CA ALA B 185 20.95 15.89 -1.07
C ALA B 185 19.78 15.67 -2.05
N GLU B 186 19.46 14.40 -2.35
CA GLU B 186 18.36 14.13 -3.28
C GLU B 186 17.03 14.61 -2.72
N ILE B 187 16.83 14.44 -1.41
CA ILE B 187 15.60 14.92 -0.77
C ILE B 187 15.53 16.44 -0.86
N ARG B 188 16.63 17.14 -0.59
CA ARG B 188 16.57 18.59 -0.69
C ARG B 188 16.40 19.04 -2.14
N LYS B 189 16.97 18.30 -3.10
CA LYS B 189 16.71 18.58 -4.51
C LYS B 189 15.23 18.43 -4.83
N TRP B 190 14.61 17.34 -4.37
CA TRP B 190 13.19 17.14 -4.62
C TRP B 190 12.37 18.28 -4.05
N ALA B 191 12.72 18.72 -2.84
CA ALA B 191 11.96 19.78 -2.19
C ALA B 191 12.13 21.11 -2.94
N THR B 192 13.36 21.40 -3.38
CA THR B 192 13.58 22.59 -4.19
C THR B 192 12.70 22.56 -5.42
N ASN B 193 12.69 21.41 -6.11
CA ASN B 193 11.97 21.29 -7.36
C ASN B 193 10.46 21.36 -7.15
N LYS B 194 9.97 20.76 -6.05
CA LYS B 194 8.53 20.66 -5.83
C LYS B 194 7.96 21.82 -5.04
N LEU B 195 8.71 22.33 -4.06
CA LEU B 195 8.16 23.30 -3.12
C LEU B 195 8.84 24.66 -3.20
N GLY B 196 9.88 24.81 -4.01
CA GLY B 196 10.62 26.05 -4.08
C GLY B 196 11.80 26.07 -3.13
N ALA B 197 12.76 26.94 -3.47
CA ALA B 197 14.04 26.94 -2.77
C ALA B 197 13.91 27.36 -1.31
N SER B 198 13.00 28.27 -1.00
CA SER B 198 12.91 28.76 0.38
C SER B 198 12.35 27.70 1.31
N VAL B 199 11.47 26.84 0.80
CA VAL B 199 11.01 25.74 1.62
C VAL B 199 12.13 24.72 1.81
N ALA B 200 12.83 24.38 0.73
CA ALA B 200 13.87 23.36 0.82
C ALA B 200 15.01 23.79 1.72
N GLU B 201 15.35 25.08 1.71
CA GLU B 201 16.48 25.52 2.53
C GLU B 201 16.11 25.63 4.01
N GLY B 202 14.83 25.73 4.34
CA GLY B 202 14.40 25.69 5.72
C GLY B 202 13.99 24.32 6.24
N LEU B 203 13.93 23.32 5.37
CA LEU B 203 13.35 22.04 5.71
C LEU B 203 14.39 21.15 6.38
N ARG B 204 14.14 20.75 7.63
CA ARG B 204 15.03 19.83 8.32
C ARG B 204 14.93 18.44 7.71
N VAL B 205 16.06 17.87 7.32
CA VAL B 205 16.11 16.49 6.85
C VAL B 205 17.07 15.76 7.79
N ILE B 206 16.51 14.92 8.66
CA ILE B 206 17.29 14.28 9.71
C ILE B 206 17.56 12.84 9.32
N TYR B 207 18.74 12.35 9.71
CA TYR B 207 19.15 10.99 9.43
C TYR B 207 18.55 10.05 10.47
N GLY B 208 17.86 9.02 10.01
CA GLY B 208 17.23 8.04 10.88
C GLY B 208 17.88 6.67 10.92
N GLY B 209 19.09 6.51 10.39
CA GLY B 209 19.84 5.29 10.58
C GLY B 209 20.67 5.32 11.85
N SER B 210 21.36 4.21 12.11
CA SER B 210 22.03 4.03 13.38
C SER B 210 23.14 5.06 13.57
N VAL B 211 23.18 5.65 14.76
CA VAL B 211 24.09 6.73 15.08
C VAL B 211 24.40 6.69 16.58
N ASN B 212 25.57 7.17 16.96
CA ASN B 212 25.92 7.31 18.36
C ASN B 212 26.61 8.65 18.55
N GLY B 213 26.93 8.98 19.79
CA GLY B 213 27.53 10.28 20.06
C GLY B 213 28.92 10.45 19.51
N GLY B 214 29.57 9.35 19.12
CA GLY B 214 30.93 9.43 18.58
C GLY B 214 30.96 9.83 17.12
N ASN B 215 30.10 9.23 16.30
CA ASN B 215 30.05 9.53 14.87
C ASN B 215 28.95 10.51 14.50
N ALA B 216 28.15 10.94 15.47
CA ALA B 216 27.20 12.02 15.25
C ALA B 216 27.86 13.18 14.53
N LYS B 217 29.04 13.59 15.00
CA LYS B 217 29.72 14.73 14.40
C LYS B 217 30.14 14.43 12.97
N GLU B 218 30.61 13.20 12.71
CA GLU B 218 30.97 12.82 11.35
C GLU B 218 29.79 12.94 10.40
N PHE B 219 28.58 12.56 10.84
CA PHE B 219 27.41 12.73 10.00
C PHE B 219 27.08 14.20 9.80
N LEU B 220 27.22 15.01 10.84
CA LEU B 220 26.87 16.43 10.70
C LEU B 220 27.89 17.19 9.85
N LYS B 221 29.07 16.62 9.59
CA LYS B 221 30.02 17.25 8.66
C LYS B 221 29.51 17.26 7.23
N PHE B 222 28.49 16.47 6.93
CA PHE B 222 27.97 16.33 5.58
C PHE B 222 26.89 17.36 5.32
N HIS B 223 26.83 17.83 4.08
CA HIS B 223 26.27 19.14 3.77
C HIS B 223 24.77 19.26 4.01
N ASP B 224 24.00 18.15 3.92
CA ASP B 224 22.53 18.21 3.92
C ASP B 224 21.89 17.44 5.08
N ILE B 225 22.64 17.12 6.12
CA ILE B 225 22.11 16.37 7.25
C ILE B 225 21.87 17.35 8.40
N ASP B 226 20.61 17.47 8.84
CA ASP B 226 20.21 18.52 9.79
C ASP B 226 20.00 18.01 11.21
N GLY B 227 20.20 16.74 11.46
CA GLY B 227 19.94 16.19 12.77
C GLY B 227 19.64 14.72 12.66
N PHE B 228 19.03 14.16 13.70
CA PHE B 228 18.86 12.72 13.78
C PHE B 228 17.51 12.37 14.33
N LEU B 229 16.97 11.26 13.82
CA LEU B 229 15.93 10.50 14.49
C LEU B 229 16.63 9.26 15.04
N VAL B 230 16.90 9.27 16.36
CA VAL B 230 17.71 8.25 17.00
C VAL B 230 16.81 7.10 17.43
N GLY B 231 17.23 5.87 17.10
CA GLY B 231 16.51 4.69 17.52
C GLY B 231 17.03 4.18 18.86
N GLY B 232 17.76 3.06 18.84
CA GLY B 232 18.11 2.39 20.07
C GLY B 232 18.93 3.23 21.03
N ALA B 233 19.78 4.13 20.53
CA ALA B 233 20.57 4.93 21.46
C ALA B 233 19.71 5.87 22.29
N SER B 234 18.47 6.15 21.86
CA SER B 234 17.66 7.11 22.60
C SER B 234 17.22 6.58 23.96
N LEU B 235 17.28 5.26 24.16
CA LEU B 235 17.04 4.66 25.48
C LEU B 235 18.25 4.71 26.41
N LYS B 236 19.41 5.10 25.91
CA LYS B 236 20.66 4.97 26.66
C LYS B 236 21.24 6.33 27.02
N PRO B 237 22.18 6.37 27.97
CA PRO B 237 22.91 7.63 28.21
C PRO B 237 23.51 8.23 26.94
N GLU B 238 23.83 7.41 25.94
CA GLU B 238 24.41 7.91 24.70
C GLU B 238 23.55 9.01 24.06
N PHE B 239 22.22 8.93 24.20
CA PHE B 239 21.35 9.97 23.65
C PHE B 239 21.80 11.37 24.04
N HIS B 240 22.37 11.53 25.24
CA HIS B 240 22.71 12.86 25.70
C HIS B 240 23.88 13.42 24.91
N ASN B 241 24.83 12.55 24.53
CA ASN B 241 25.95 12.99 23.72
C ASN B 241 25.55 13.30 22.29
N ILE B 242 24.38 12.84 21.82
CA ILE B 242 23.89 13.22 20.50
C ILE B 242 23.16 14.55 20.56
N VAL B 243 22.25 14.67 21.53
CA VAL B 243 21.54 15.93 21.77
C VAL B 243 22.52 17.09 21.96
N ASN B 244 23.56 16.88 22.76
CA ASN B 244 24.46 17.95 23.18
C ASN B 244 25.69 18.07 22.31
N VAL B 245 25.67 17.50 21.10
CA VAL B 245 26.89 17.30 20.32
C VAL B 245 27.63 18.62 20.09
N HIS B 246 26.89 19.73 19.91
CA HIS B 246 27.52 21.01 19.61
C HIS B 246 28.31 21.58 20.79
N SER B 247 28.11 21.06 21.99
CA SER B 247 28.89 21.52 23.13
C SER B 247 29.42 20.33 23.93
N ALA C 2 10.91 25.05 -39.38
CA ALA C 2 9.51 25.08 -39.00
C ALA C 2 9.15 23.79 -38.26
N ARG C 3 8.06 23.83 -37.49
CA ARG C 3 7.64 22.70 -36.70
C ARG C 3 6.59 21.92 -37.48
N LYS C 4 6.85 20.63 -37.69
CA LYS C 4 5.89 19.80 -38.39
C LYS C 4 4.71 19.45 -37.49
N PHE C 5 3.49 19.75 -37.98
CA PHE C 5 2.28 19.47 -37.23
C PHE C 5 2.21 18.00 -36.86
N PHE C 6 1.74 17.73 -35.64
CA PHE C 6 1.78 16.39 -35.08
C PHE C 6 0.39 16.06 -34.54
N VAL C 7 -0.18 14.93 -34.99
CA VAL C 7 -1.46 14.47 -34.46
C VAL C 7 -1.31 13.04 -33.98
N GLY C 8 -1.50 12.83 -32.67
CA GLY C 8 -1.51 11.50 -32.08
C GLY C 8 -2.92 11.11 -31.67
N GLY C 9 -3.22 9.82 -31.74
CA GLY C 9 -4.47 9.30 -31.26
C GLY C 9 -4.21 8.28 -30.17
N ASN C 10 -4.58 8.60 -28.95
CA ASN C 10 -4.37 7.73 -27.79
C ASN C 10 -5.65 6.93 -27.57
N PHE C 11 -5.60 5.63 -27.92
CA PHE C 11 -6.77 4.75 -27.79
C PHE C 11 -7.08 4.41 -26.34
N LYS C 12 -6.14 4.63 -25.43
CA LYS C 12 -6.25 4.32 -24.01
C LYS C 12 -6.53 2.81 -23.85
N MET C 13 -7.20 2.43 -22.76
CA MET C 13 -7.47 1.01 -22.47
C MET C 13 -8.78 0.55 -23.09
N ASN C 14 -8.79 0.58 -24.42
CA ASN C 14 -9.97 0.23 -25.20
C ASN C 14 -9.56 -0.73 -26.31
N GLY C 15 -10.56 -1.40 -26.85
CA GLY C 15 -10.34 -2.24 -28.02
C GLY C 15 -10.94 -3.64 -27.95
N SER C 16 -11.32 -4.14 -29.10
CA SER C 16 -11.55 -5.55 -29.35
C SER C 16 -10.84 -5.89 -30.65
N LEU C 17 -10.68 -7.18 -30.93
CA LEU C 17 -10.14 -7.55 -32.24
C LEU C 17 -10.92 -6.86 -33.35
N GLU C 18 -12.25 -6.90 -33.26
CA GLU C 18 -13.09 -6.37 -34.34
C GLU C 18 -13.05 -4.85 -34.40
N SER C 19 -13.03 -4.17 -33.26
CA SER C 19 -13.00 -2.71 -33.30
C SER C 19 -11.62 -2.21 -33.75
N MET C 20 -10.54 -2.86 -33.32
CA MET C 20 -9.22 -2.45 -33.78
C MET C 20 -9.09 -2.64 -35.29
N LYS C 21 -9.66 -3.73 -35.82
CA LYS C 21 -9.60 -3.96 -37.26
C LYS C 21 -10.23 -2.80 -38.04
N THR C 22 -11.42 -2.34 -37.63
CA THR C 22 -12.08 -1.32 -38.44
C THR C 22 -11.51 0.07 -38.20
N ILE C 23 -11.02 0.35 -36.99
CA ILE C 23 -10.37 1.63 -36.73
C ILE C 23 -9.13 1.78 -37.60
N ILE C 24 -8.38 0.69 -37.75
CA ILE C 24 -7.14 0.73 -38.52
C ILE C 24 -7.45 0.81 -40.01
N GLU C 25 -8.45 0.07 -40.48
CA GLU C 25 -8.77 0.16 -41.91
C GLU C 25 -9.35 1.53 -42.27
N GLY C 26 -10.09 2.16 -41.33
CA GLY C 26 -10.53 3.52 -41.57
C GLY C 26 -9.39 4.50 -41.76
N LEU C 27 -8.34 4.36 -40.94
CA LEU C 27 -7.16 5.20 -41.11
C LEU C 27 -6.39 4.85 -42.39
N ASN C 28 -6.29 3.56 -42.72
CA ASN C 28 -5.58 3.17 -43.94
C ASN C 28 -6.21 3.79 -45.18
N THR C 29 -7.53 3.92 -45.19
CA THR C 29 -8.24 4.45 -46.34
C THR C 29 -8.53 5.94 -46.19
N THR C 30 -7.84 6.62 -45.28
CA THR C 30 -7.89 8.07 -45.18
C THR C 30 -6.68 8.63 -45.91
N LYS C 31 -6.92 9.49 -46.90
CA LYS C 31 -5.81 10.13 -47.60
C LYS C 31 -5.17 11.18 -46.70
N LEU C 32 -3.84 11.15 -46.62
CA LEU C 32 -3.09 12.03 -45.74
C LEU C 32 -2.04 12.81 -46.52
N ASN C 33 -1.66 13.96 -45.99
CA ASN C 33 -0.50 14.71 -46.49
C ASN C 33 0.63 14.51 -45.49
N VAL C 34 1.47 13.51 -45.78
CA VAL C 34 2.50 13.08 -44.86
C VAL C 34 3.60 14.11 -44.69
N GLY C 35 3.80 14.99 -45.69
CA GLY C 35 4.74 16.07 -45.54
C GLY C 35 4.27 17.16 -44.62
N ASP C 36 2.95 17.27 -44.41
CA ASP C 36 2.38 18.34 -43.63
C ASP C 36 2.00 17.93 -42.21
N VAL C 37 1.69 16.65 -41.98
CA VAL C 37 1.26 16.18 -40.66
C VAL C 37 1.96 14.87 -40.35
N GLU C 38 2.50 14.77 -39.14
CA GLU C 38 3.06 13.52 -38.61
C GLU C 38 1.96 12.88 -37.75
N THR C 39 1.47 11.71 -38.17
CA THR C 39 0.29 11.08 -37.58
C THR C 39 0.71 9.79 -36.87
N VAL C 40 0.32 9.64 -35.61
CA VAL C 40 0.72 8.48 -34.79
C VAL C 40 -0.48 7.98 -34.00
N ILE C 41 -0.65 6.66 -33.91
CA ILE C 41 -1.67 6.08 -33.04
C ILE C 41 -1.00 5.24 -31.96
N PHE C 42 -1.63 5.23 -30.78
CA PHE C 42 -1.08 4.59 -29.57
C PHE C 42 -2.13 3.60 -29.08
N PRO C 43 -2.10 2.35 -29.55
CA PRO C 43 -3.13 1.39 -29.15
C PRO C 43 -2.82 0.76 -27.80
N GLN C 44 -3.83 0.10 -27.23
CA GLN C 44 -3.61 -0.64 -25.99
C GLN C 44 -2.51 -1.70 -26.21
N ASN C 45 -1.76 -1.99 -25.15
CA ASN C 45 -0.49 -2.73 -25.27
C ASN C 45 -0.61 -4.01 -26.11
N MET C 46 -1.64 -4.84 -25.85
CA MET C 46 -1.70 -6.14 -26.54
C MET C 46 -1.74 -6.00 -28.06
N TYR C 47 -2.19 -4.85 -28.58
CA TYR C 47 -2.38 -4.67 -30.02
C TYR C 47 -1.18 -4.04 -30.70
N LEU C 48 -0.08 -3.83 -29.99
CA LEU C 48 0.99 -3.01 -30.54
C LEU C 48 1.55 -3.63 -31.81
N ILE C 49 1.80 -4.93 -31.81
CA ILE C 49 2.41 -5.53 -33.00
C ILE C 49 1.39 -5.64 -34.14
N THR C 50 0.18 -6.16 -33.86
CA THR C 50 -0.80 -6.26 -34.95
C THR C 50 -1.15 -4.89 -35.52
N THR C 51 -1.12 -3.85 -34.70
CA THR C 51 -1.38 -2.51 -35.20
C THR C 51 -0.27 -2.07 -36.16
N ARG C 52 0.99 -2.28 -35.78
CA ARG C 52 2.09 -1.96 -36.69
C ARG C 52 2.01 -2.81 -37.95
N GLN C 53 1.55 -4.06 -37.83
CA GLN C 53 1.41 -4.92 -39.01
C GLN C 53 0.33 -4.40 -39.94
N GLN C 54 -0.80 -3.93 -39.39
CA GLN C 54 -1.98 -3.65 -40.20
C GLN C 54 -2.09 -2.19 -40.68
N VAL C 55 -1.62 -1.21 -39.92
CA VAL C 55 -1.75 0.19 -40.35
C VAL C 55 -0.61 0.54 -41.31
N LYS C 56 -0.93 1.38 -42.29
CA LYS C 56 0.01 1.70 -43.34
C LYS C 56 1.24 2.42 -42.79
N LYS C 57 2.37 2.28 -43.49
CA LYS C 57 3.65 2.79 -43.01
C LYS C 57 3.65 4.30 -42.84
N ASP C 58 2.77 5.03 -43.55
CA ASP C 58 2.64 6.48 -43.40
C ASP C 58 2.24 6.90 -41.99
N ILE C 59 1.69 5.98 -41.21
CA ILE C 59 1.19 6.26 -39.87
C ILE C 59 2.10 5.58 -38.87
N GLY C 60 2.52 6.33 -37.83
CA GLY C 60 3.34 5.76 -36.77
C GLY C 60 2.51 5.00 -35.75
N VAL C 61 3.17 4.08 -35.05
CA VAL C 61 2.55 3.35 -33.94
C VAL C 61 3.39 3.58 -32.70
N GLY C 62 2.73 3.81 -31.57
CA GLY C 62 3.44 4.04 -30.31
C GLY C 62 2.80 3.30 -29.16
N ALA C 63 3.63 2.98 -28.16
CA ALA C 63 3.11 2.45 -26.91
C ALA C 63 2.51 3.58 -26.07
N GLN C 64 1.59 3.20 -25.18
CA GLN C 64 0.98 4.13 -24.23
C GLN C 64 1.82 4.38 -22.99
N ASN C 65 2.90 3.63 -22.81
CA ASN C 65 3.76 3.69 -21.64
C ASN C 65 4.96 2.79 -21.89
N VAL C 66 6.07 3.09 -21.24
CA VAL C 66 7.26 2.25 -21.31
C VAL C 66 7.93 2.32 -19.95
N PHE C 67 8.66 1.26 -19.59
CA PHE C 67 9.50 1.28 -18.39
C PHE C 67 10.83 1.98 -18.70
N ASP C 68 11.60 2.30 -17.68
CA ASP C 68 12.80 3.10 -17.87
C ASP C 68 14.08 2.29 -17.91
N LYS C 69 14.00 0.97 -18.06
CA LYS C 69 15.15 0.11 -17.89
C LYS C 69 15.26 -0.88 -19.05
N LYS C 70 16.47 -1.43 -19.24
CA LYS C 70 16.72 -2.51 -20.18
C LYS C 70 15.88 -3.73 -19.81
N ASN C 71 15.80 -4.67 -20.74
CA ASN C 71 15.04 -5.90 -20.54
C ASN C 71 15.42 -6.54 -19.21
N GLY C 72 14.41 -6.96 -18.45
CA GLY C 72 14.69 -7.56 -17.16
C GLY C 72 13.41 -7.89 -16.41
N ALA C 73 13.55 -7.98 -15.10
CA ALA C 73 12.53 -8.59 -14.23
C ALA C 73 11.55 -7.52 -13.73
N TYR C 74 10.71 -7.06 -14.66
CA TYR C 74 9.71 -6.04 -14.38
C TYR C 74 8.37 -6.53 -14.95
N THR C 75 7.82 -7.55 -14.30
CA THR C 75 6.60 -8.21 -14.76
C THR C 75 5.50 -7.18 -15.00
N GLY C 76 4.89 -7.23 -16.18
CA GLY C 76 3.79 -6.34 -16.52
C GLY C 76 4.14 -5.11 -17.35
N GLU C 77 5.43 -4.84 -17.57
CA GLU C 77 5.88 -3.58 -18.17
C GLU C 77 6.18 -3.75 -19.66
N ASN C 78 6.13 -2.62 -20.37
CA ASN C 78 6.58 -2.53 -21.76
C ASN C 78 8.04 -2.12 -21.85
N SER C 79 8.82 -2.85 -22.65
CA SER C 79 10.24 -2.58 -22.85
C SER C 79 10.47 -1.70 -24.08
N ALA C 80 11.23 -0.61 -23.89
CA ALA C 80 11.58 0.25 -25.03
C ALA C 80 12.37 -0.51 -26.08
N GLN C 81 13.28 -1.40 -25.66
CA GLN C 81 14.06 -2.21 -26.60
C GLN C 81 13.16 -3.13 -27.41
N SER C 82 12.23 -3.82 -26.73
CA SER C 82 11.31 -4.70 -27.44
C SER C 82 10.45 -3.92 -28.42
N LEU C 83 9.98 -2.74 -28.02
CA LEU C 83 9.17 -1.92 -28.92
C LEU C 83 9.91 -1.63 -30.21
N ILE C 84 11.09 -1.04 -30.10
CA ILE C 84 11.83 -0.62 -31.30
C ILE C 84 12.23 -1.84 -32.14
N ASP C 85 12.57 -2.96 -31.49
CA ASP C 85 12.87 -4.20 -32.22
C ASP C 85 11.72 -4.63 -33.13
N ALA C 86 10.47 -4.42 -32.72
CA ALA C 86 9.33 -4.82 -33.52
C ALA C 86 8.77 -3.71 -34.40
N GLY C 87 9.46 -2.57 -34.49
CA GLY C 87 9.01 -1.51 -35.38
C GLY C 87 8.05 -0.52 -34.79
N ILE C 88 7.85 -0.54 -33.47
CA ILE C 88 7.10 0.49 -32.76
C ILE C 88 8.09 1.60 -32.46
N THR C 89 7.89 2.77 -33.05
CA THR C 89 8.91 3.82 -32.95
C THR C 89 8.47 5.03 -32.15
N TYR C 90 7.35 4.96 -31.44
CA TYR C 90 6.91 6.07 -30.60
C TYR C 90 6.50 5.53 -29.24
N THR C 91 6.40 6.42 -28.25
CA THR C 91 5.73 6.06 -27.01
C THR C 91 5.24 7.34 -26.34
N LEU C 92 4.13 7.21 -25.62
CA LEU C 92 3.76 8.21 -24.63
C LEU C 92 4.56 8.00 -23.35
N THR C 93 4.87 9.10 -22.66
CA THR C 93 5.28 9.01 -21.26
C THR C 93 4.56 10.08 -20.45
N GLY C 94 4.29 9.77 -19.18
CA GLY C 94 3.76 10.76 -18.28
C GLY C 94 2.33 11.19 -18.52
N HIS C 95 1.53 10.40 -19.23
CA HIS C 95 0.12 10.74 -19.40
C HIS C 95 -0.51 10.97 -18.03
N SER C 96 -1.45 11.92 -17.97
CA SER C 96 -2.06 12.27 -16.68
C SER C 96 -2.67 11.07 -15.98
N GLU C 97 -3.22 10.11 -16.74
CA GLU C 97 -3.82 8.95 -16.10
C GLU C 97 -2.77 8.11 -15.39
N ARG C 98 -1.54 8.10 -15.90
CA ARG C 98 -0.49 7.39 -15.18
C ARG C 98 0.06 8.21 -14.01
N ARG C 99 0.14 9.54 -14.18
CA ARG C 99 0.59 10.36 -13.06
C ARG C 99 -0.39 10.29 -11.89
N THR C 100 -1.71 10.30 -12.17
CA THR C 100 -2.67 10.32 -11.07
C THR C 100 -2.97 8.92 -10.54
N ILE C 101 -3.37 7.99 -11.39
CA ILE C 101 -3.76 6.67 -10.91
C ILE C 101 -2.57 5.92 -10.35
N PHE C 102 -1.44 5.95 -11.06
CA PHE C 102 -0.29 5.12 -10.71
C PHE C 102 0.84 5.93 -10.08
N LYS C 103 0.60 7.20 -9.79
CA LYS C 103 1.54 8.03 -9.01
C LYS C 103 2.92 8.11 -9.65
N GLU C 104 2.98 8.08 -10.99
CA GLU C 104 4.26 8.28 -11.65
C GLU C 104 4.77 9.68 -11.35
N SER C 105 6.00 9.76 -10.82
CA SER C 105 6.59 11.03 -10.42
C SER C 105 7.20 11.74 -11.63
N ASP C 106 7.43 13.06 -11.48
CA ASP C 106 8.12 13.80 -12.54
C ASP C 106 9.43 13.11 -12.92
N GLU C 107 10.16 12.62 -11.91
CA GLU C 107 11.48 12.04 -12.11
C GLU C 107 11.41 10.70 -12.83
N PHE C 108 10.43 9.86 -12.45
CA PHE C 108 10.21 8.60 -13.14
C PHE C 108 9.82 8.85 -14.60
N VAL C 109 8.94 9.81 -14.83
CA VAL C 109 8.56 10.16 -16.21
C VAL C 109 9.79 10.63 -16.99
N ALA C 110 10.62 11.48 -16.38
CA ALA C 110 11.85 11.91 -17.02
C ALA C 110 12.76 10.73 -17.35
N ASP C 111 12.87 9.76 -16.44
CA ASP C 111 13.79 8.63 -16.64
C ASP C 111 13.31 7.72 -17.75
N LYS C 112 12.00 7.46 -17.83
CA LYS C 112 11.53 6.62 -18.92
C LYS C 112 11.60 7.37 -20.25
N THR C 113 11.45 8.68 -20.22
CA THR C 113 11.62 9.47 -21.44
C THR C 113 13.05 9.38 -21.94
N LYS C 114 14.02 9.56 -21.03
CA LYS C 114 15.43 9.49 -21.41
C LYS C 114 15.77 8.14 -22.01
N PHE C 115 15.33 7.06 -21.35
CA PHE C 115 15.68 5.73 -21.82
C PHE C 115 15.03 5.42 -23.15
N ALA C 116 13.76 5.81 -23.33
CA ALA C 116 13.09 5.57 -24.60
C ALA C 116 13.77 6.31 -25.73
N LEU C 117 14.19 7.56 -25.50
CA LEU C 117 14.91 8.30 -26.51
C LEU C 117 16.22 7.62 -26.85
N GLU C 118 16.91 7.08 -25.84
CA GLU C 118 18.19 6.42 -26.07
C GLU C 118 18.04 5.20 -26.96
N GLN C 119 16.90 4.51 -26.86
CA GLN C 119 16.62 3.32 -27.66
C GLN C 119 16.09 3.64 -29.06
N GLY C 120 15.91 4.91 -29.40
CA GLY C 120 15.53 5.32 -30.73
C GLY C 120 14.09 5.72 -30.91
N LEU C 121 13.30 5.68 -29.84
CA LEU C 121 11.89 6.06 -29.93
C LEU C 121 11.74 7.57 -29.98
N THR C 122 10.68 8.03 -30.64
CA THR C 122 10.18 9.39 -30.45
C THR C 122 9.22 9.36 -29.26
N VAL C 123 9.40 10.29 -28.33
CA VAL C 123 8.62 10.30 -27.09
C VAL C 123 7.67 11.49 -27.09
N VAL C 124 6.39 11.21 -26.87
CA VAL C 124 5.41 12.25 -26.57
C VAL C 124 5.31 12.32 -25.06
N ALA C 125 5.97 13.29 -24.45
CA ALA C 125 5.96 13.47 -23.00
C ALA C 125 4.81 14.39 -22.62
N CYS C 126 3.97 13.91 -21.71
CA CYS C 126 2.73 14.59 -21.36
C CYS C 126 2.91 15.38 -20.07
N ILE C 127 2.37 16.61 -20.05
CA ILE C 127 2.44 17.49 -18.89
C ILE C 127 1.06 18.11 -18.72
N GLY C 128 0.80 18.66 -17.51
CA GLY C 128 -0.46 19.34 -17.34
C GLY C 128 -0.92 19.58 -15.91
N GLU C 129 -1.71 20.64 -15.70
CA GLU C 129 -2.13 21.08 -14.37
C GLU C 129 -3.57 20.67 -14.08
N THR C 130 -3.87 20.51 -12.79
CA THR C 130 -5.20 20.08 -12.35
C THR C 130 -6.14 21.26 -12.20
N LEU C 131 -7.41 20.94 -11.93
CA LEU C 131 -8.40 21.97 -11.63
C LEU C 131 -7.95 22.87 -10.49
N ALA C 132 -7.42 22.29 -9.42
CA ALA C 132 -6.97 23.10 -8.28
C ALA C 132 -5.74 23.92 -8.64
N GLU C 133 -4.83 23.33 -9.43
CA GLU C 133 -3.57 23.97 -9.79
C GLU C 133 -3.78 25.14 -10.74
N ARG C 134 -4.90 25.10 -11.48
CA ARG C 134 -5.24 26.15 -12.44
C ARG C 134 -5.52 27.51 -11.77
N GLU C 135 -5.83 27.53 -10.47
CA GLU C 135 -6.18 28.79 -9.81
C GLU C 135 -5.08 29.83 -9.97
N ALA C 136 -3.84 29.43 -9.66
CA ALA C 136 -2.71 30.34 -9.70
C ALA C 136 -1.40 29.66 -10.03
N ASN C 137 -1.37 28.34 -10.20
CA ASN C 137 -0.11 27.59 -10.26
C ASN C 137 0.11 26.91 -11.60
N THR C 138 -0.61 27.35 -12.65
CA THR C 138 -0.54 26.70 -13.97
C THR C 138 0.89 26.55 -14.47
N ILE C 139 1.66 27.65 -14.47
CA ILE C 139 2.98 27.61 -15.07
C ILE C 139 3.99 26.96 -14.13
N ASN C 140 3.85 27.20 -12.83
CA ASN C 140 4.66 26.47 -11.85
C ASN C 140 4.62 24.97 -12.14
N VAL C 141 3.42 24.45 -12.36
CA VAL C 141 3.26 23.02 -12.52
C VAL C 141 3.89 22.53 -13.82
N VAL C 142 3.54 23.13 -14.96
CA VAL C 142 4.08 22.57 -16.20
C VAL C 142 5.59 22.77 -16.29
N VAL C 143 6.11 23.89 -15.78
CA VAL C 143 7.55 24.13 -15.80
C VAL C 143 8.27 23.14 -14.88
N ARG C 144 7.68 22.80 -13.74
CA ARG C 144 8.29 21.80 -12.88
C ARG C 144 8.37 20.45 -13.59
N GLN C 145 7.27 20.04 -14.24
CA GLN C 145 7.29 18.75 -14.94
C GLN C 145 8.32 18.77 -16.07
N LEU C 146 8.41 19.89 -16.79
CA LEU C 146 9.35 19.98 -17.90
C LEU C 146 10.79 20.02 -17.41
N ASN C 147 11.06 20.77 -16.34
CA ASN C 147 12.42 20.81 -15.79
C ASN C 147 12.91 19.42 -15.38
N ALA C 148 12.03 18.59 -14.84
CA ALA C 148 12.42 17.22 -14.49
C ALA C 148 12.90 16.47 -15.72
N ILE C 149 12.23 16.65 -16.86
CA ILE C 149 12.66 16.01 -18.09
C ILE C 149 13.99 16.59 -18.56
N ALA C 150 14.14 17.92 -18.51
CA ALA C 150 15.40 18.56 -18.92
C ALA C 150 16.55 18.13 -18.02
N ASP C 151 16.27 17.75 -16.77
CA ASP C 151 17.34 17.30 -15.87
C ASP C 151 17.98 16.01 -16.38
N LYS C 152 17.21 15.20 -17.10
CA LYS C 152 17.71 13.93 -17.63
C LYS C 152 17.88 13.87 -19.14
N VAL C 153 17.22 14.75 -19.89
CA VAL C 153 17.16 14.63 -21.34
C VAL C 153 17.89 15.80 -21.97
N GLN C 154 18.96 15.51 -22.72
CA GLN C 154 19.70 16.53 -23.42
C GLN C 154 19.44 16.52 -24.93
N ASN C 155 18.71 15.51 -25.44
CA ASN C 155 18.36 15.42 -26.86
C ASN C 155 16.85 15.59 -27.00
N TRP C 156 16.42 16.73 -27.54
CA TRP C 156 15.00 17.02 -27.68
C TRP C 156 14.52 16.94 -29.13
N SER C 157 15.39 16.51 -30.05
CA SER C 157 14.97 16.45 -31.45
C SER C 157 13.84 15.47 -31.67
N LYS C 158 13.73 14.44 -30.82
CA LYS C 158 12.69 13.42 -30.96
C LYS C 158 11.76 13.39 -29.75
N ILE C 159 11.60 14.53 -29.10
CA ILE C 159 10.60 14.75 -28.06
C ILE C 159 9.47 15.56 -28.69
N VAL C 160 8.24 15.21 -28.33
CA VAL C 160 7.05 16.05 -28.54
C VAL C 160 6.46 16.27 -27.15
N ILE C 161 6.14 17.53 -26.81
CA ILE C 161 5.47 17.82 -25.55
C ILE C 161 3.97 17.90 -25.78
N ALA C 162 3.19 17.17 -24.98
CA ALA C 162 1.73 17.23 -25.03
C ALA C 162 1.25 17.92 -23.75
N TYR C 163 0.66 19.11 -23.91
CA TYR C 163 0.03 19.83 -22.83
C TYR C 163 -1.43 19.41 -22.76
N GLU C 164 -1.79 18.72 -21.67
CA GLU C 164 -3.15 18.19 -21.47
C GLU C 164 -3.62 18.71 -20.12
N PRO C 165 -4.39 19.80 -20.08
CA PRO C 165 -4.94 20.24 -18.79
C PRO C 165 -5.76 19.10 -18.22
N VAL C 166 -5.39 18.65 -17.02
CA VAL C 166 -6.08 17.49 -16.46
C VAL C 166 -7.58 17.73 -16.40
N TRP C 167 -7.99 18.97 -16.13
CA TRP C 167 -9.42 19.30 -16.11
C TRP C 167 -10.09 19.21 -17.49
N ALA C 168 -9.35 19.04 -18.58
CA ALA C 168 -9.96 18.88 -19.90
C ALA C 168 -9.93 17.44 -20.40
N ILE C 169 -9.43 16.51 -19.61
CA ILE C 169 -9.29 15.12 -20.03
C ILE C 169 -10.58 14.37 -19.71
N GLY C 170 -11.29 13.94 -20.75
CA GLY C 170 -12.48 13.11 -20.60
C GLY C 170 -13.70 13.83 -20.04
N THR C 171 -13.61 15.14 -19.81
CA THR C 171 -14.69 15.91 -19.20
C THR C 171 -15.53 16.66 -20.22
N GLY C 172 -15.09 16.73 -21.47
CA GLY C 172 -15.69 17.64 -22.43
C GLY C 172 -15.34 19.10 -22.24
N LYS C 173 -14.59 19.45 -21.20
CA LYS C 173 -14.24 20.85 -20.92
C LYS C 173 -12.88 21.19 -21.53
N THR C 174 -12.87 21.30 -22.86
CA THR C 174 -11.63 21.62 -23.53
C THR C 174 -11.21 23.07 -23.22
N ALA C 175 -9.92 23.28 -23.03
CA ALA C 175 -9.40 24.64 -22.87
C ALA C 175 -9.80 25.46 -24.08
N THR C 176 -10.12 26.74 -23.85
CA THR C 176 -10.28 27.57 -25.02
C THR C 176 -8.92 27.63 -25.72
N PRO C 177 -8.90 27.72 -27.04
CA PRO C 177 -7.61 27.86 -27.73
C PRO C 177 -6.82 29.07 -27.23
N GLU C 178 -7.50 30.12 -26.78
CA GLU C 178 -6.80 31.27 -26.24
C GLU C 178 -6.01 30.93 -24.97
N GLN C 179 -6.60 30.17 -24.04
CA GLN C 179 -5.82 29.75 -22.88
C GLN C 179 -4.73 28.77 -23.25
N ALA C 180 -5.00 27.90 -24.24
CA ALA C 180 -4.01 26.91 -24.62
C ALA C 180 -2.81 27.57 -25.28
N GLN C 181 -3.09 28.53 -26.17
CA GLN C 181 -2.01 29.25 -26.85
C GLN C 181 -1.09 29.95 -25.86
N GLU C 182 -1.67 30.58 -24.83
CA GLU C 182 -0.84 31.27 -23.84
C GLU C 182 -0.04 30.27 -22.99
N VAL C 183 -0.58 29.08 -22.73
CA VAL C 183 0.21 28.07 -22.02
C VAL C 183 1.33 27.54 -22.91
N HIS C 184 1.04 27.30 -24.19
CA HIS C 184 2.10 26.85 -25.09
C HIS C 184 3.18 27.92 -25.24
N ALA C 185 2.77 29.20 -25.28
CA ALA C 185 3.77 30.27 -25.38
C ALA C 185 4.66 30.29 -24.15
N GLU C 186 4.09 30.03 -22.97
CA GLU C 186 4.87 29.93 -21.76
C GLU C 186 5.84 28.75 -21.82
N ILE C 187 5.37 27.61 -22.34
CA ILE C 187 6.23 26.44 -22.48
C ILE C 187 7.39 26.75 -23.42
N ARG C 188 7.12 27.47 -24.51
CA ARG C 188 8.19 27.80 -25.44
C ARG C 188 9.17 28.81 -24.84
N LYS C 189 8.68 29.77 -24.03
CA LYS C 189 9.59 30.66 -23.32
C LYS C 189 10.49 29.87 -22.37
N TRP C 190 9.93 28.91 -21.64
CA TRP C 190 10.74 28.06 -20.79
C TRP C 190 11.78 27.31 -21.61
N ALA C 191 11.38 26.77 -22.76
CA ALA C 191 12.30 25.96 -23.55
C ALA C 191 13.40 26.80 -24.16
N THR C 192 13.11 28.07 -24.51
CA THR C 192 14.16 28.93 -25.04
C THR C 192 15.25 29.16 -24.00
N ASN C 193 14.87 29.42 -22.75
CA ASN C 193 15.85 29.66 -21.70
C ASN C 193 16.53 28.37 -21.25
N LYS C 194 15.77 27.30 -21.06
CA LYS C 194 16.32 26.09 -20.47
C LYS C 194 17.00 25.21 -21.50
N LEU C 195 16.42 25.09 -22.70
CA LEU C 195 16.95 24.20 -23.73
C LEU C 195 17.79 24.92 -24.77
N GLY C 196 17.42 26.14 -25.17
CA GLY C 196 18.11 26.83 -26.24
C GLY C 196 17.16 27.45 -27.27
N ALA C 197 17.62 28.48 -27.98
CA ALA C 197 16.73 29.23 -28.86
C ALA C 197 16.21 28.34 -30.00
N SER C 198 17.12 27.68 -30.73
CA SER C 198 16.68 26.89 -31.87
C SER C 198 16.02 25.59 -31.46
N VAL C 199 16.41 25.02 -30.32
CA VAL C 199 15.70 23.84 -29.82
C VAL C 199 14.26 24.20 -29.54
N ALA C 200 14.02 25.31 -28.82
CA ALA C 200 12.65 25.71 -28.52
C ALA C 200 11.87 26.00 -29.80
N GLU C 201 12.52 26.62 -30.80
CA GLU C 201 11.87 26.96 -32.06
C GLU C 201 11.42 25.71 -32.81
N GLY C 202 12.15 24.59 -32.69
CA GLY C 202 11.79 23.34 -33.32
C GLY C 202 10.92 22.40 -32.50
N LEU C 203 10.66 22.73 -31.25
CA LEU C 203 9.96 21.81 -30.35
C LEU C 203 8.46 21.81 -30.61
N ARG C 204 7.89 20.65 -30.95
CA ARG C 204 6.44 20.53 -31.09
C ARG C 204 5.79 20.51 -29.71
N VAL C 205 4.85 21.42 -29.49
CA VAL C 205 4.02 21.43 -28.30
C VAL C 205 2.58 21.26 -28.78
N ILE C 206 1.98 20.12 -28.45
CA ILE C 206 0.66 19.74 -28.94
C ILE C 206 -0.36 19.83 -27.80
N TYR C 207 -1.60 20.18 -28.15
CA TYR C 207 -2.66 20.31 -27.16
C TYR C 207 -3.45 19.00 -27.08
N GLY C 208 -3.76 18.59 -25.87
CA GLY C 208 -4.69 17.49 -25.66
C GLY C 208 -5.73 17.83 -24.61
N GLY C 209 -6.88 17.17 -24.72
CA GLY C 209 -7.93 17.37 -23.72
C GLY C 209 -9.25 17.74 -24.36
N SER C 210 -10.07 16.73 -24.65
CA SER C 210 -11.36 16.88 -25.33
C SER C 210 -11.20 17.59 -26.69
N VAL C 211 -10.22 17.15 -27.48
CA VAL C 211 -10.16 17.52 -28.90
C VAL C 211 -11.11 16.62 -29.69
N ASN C 212 -11.85 17.22 -30.63
CA ASN C 212 -12.75 16.45 -31.48
C ASN C 212 -12.91 17.17 -32.82
N GLY C 213 -13.67 16.54 -33.73
CA GLY C 213 -13.78 17.08 -35.07
C GLY C 213 -14.43 18.46 -35.08
N GLY C 214 -15.38 18.69 -34.18
CA GLY C 214 -16.08 19.96 -34.13
C GLY C 214 -15.28 21.13 -33.58
N ASN C 215 -14.20 20.88 -32.82
CA ASN C 215 -13.45 21.97 -32.20
C ASN C 215 -12.00 22.06 -32.65
N ALA C 216 -11.56 21.15 -33.54
CA ALA C 216 -10.15 21.07 -33.93
C ALA C 216 -9.73 22.30 -34.71
N LYS C 217 -10.54 22.72 -35.69
CA LYS C 217 -10.13 23.76 -36.62
C LYS C 217 -9.85 25.08 -35.90
N GLU C 218 -10.59 25.39 -34.83
CA GLU C 218 -10.39 26.65 -34.11
C GLU C 218 -8.96 26.79 -33.57
N PHE C 219 -8.28 25.67 -33.27
CA PHE C 219 -6.92 25.75 -32.73
C PHE C 219 -5.87 26.10 -33.80
N LEU C 220 -6.18 25.87 -35.07
CA LEU C 220 -5.16 25.99 -36.11
C LEU C 220 -4.61 27.42 -36.25
N LYS C 221 -5.34 28.44 -35.85
CA LYS C 221 -4.86 29.80 -36.07
C LYS C 221 -3.90 30.30 -34.99
N PHE C 222 -3.47 29.46 -34.04
CA PHE C 222 -2.65 29.91 -32.92
C PHE C 222 -1.23 29.36 -33.06
N HIS C 223 -0.26 30.28 -33.07
CA HIS C 223 1.09 30.00 -33.56
C HIS C 223 1.84 28.92 -32.76
N ASP C 224 1.59 28.79 -31.47
CA ASP C 224 2.39 27.90 -30.64
C ASP C 224 1.71 26.57 -30.37
N ILE C 225 0.56 26.31 -30.98
CA ILE C 225 -0.10 25.01 -30.90
C ILE C 225 0.31 24.22 -32.13
N ASP C 226 1.08 23.17 -31.93
CA ASP C 226 1.72 22.47 -33.03
C ASP C 226 1.04 21.14 -33.35
N GLY C 227 -0.14 20.90 -32.83
CA GLY C 227 -0.83 19.65 -33.09
C GLY C 227 -1.72 19.27 -31.92
N PHE C 228 -2.15 18.00 -31.95
CA PHE C 228 -3.11 17.50 -30.98
C PHE C 228 -2.71 16.13 -30.47
N LEU C 229 -3.00 15.88 -29.21
CA LEU C 229 -3.06 14.52 -28.70
C LEU C 229 -4.55 14.22 -28.47
N VAL C 230 -5.10 13.36 -29.29
CA VAL C 230 -6.54 13.13 -29.33
C VAL C 230 -6.86 11.90 -28.50
N GLY C 231 -7.87 12.01 -27.63
CA GLY C 231 -8.23 10.90 -26.77
C GLY C 231 -9.39 10.08 -27.32
N GLY C 232 -10.57 10.21 -26.71
CA GLY C 232 -11.72 9.43 -27.16
C GLY C 232 -12.05 9.60 -28.63
N ALA C 233 -11.87 10.80 -29.19
CA ALA C 233 -12.21 10.96 -30.60
C ALA C 233 -11.33 10.12 -31.52
N SER C 234 -10.18 9.65 -31.03
CA SER C 234 -9.30 8.88 -31.91
C SER C 234 -9.88 7.49 -32.20
N LEU C 235 -10.85 7.03 -31.41
CA LEU C 235 -11.54 5.77 -31.64
C LEU C 235 -12.71 5.91 -32.61
N LYS C 236 -12.97 7.11 -33.12
CA LYS C 236 -14.14 7.41 -33.92
C LYS C 236 -13.76 7.85 -35.32
N PRO C 237 -14.68 7.74 -36.28
CA PRO C 237 -14.37 8.22 -37.64
C PRO C 237 -13.96 9.70 -37.70
N GLU C 238 -14.44 10.55 -36.79
CA GLU C 238 -14.06 11.96 -36.83
C GLU C 238 -12.56 12.18 -36.64
N PHE C 239 -11.83 11.17 -36.14
CA PHE C 239 -10.37 11.27 -36.11
C PHE C 239 -9.81 11.50 -37.52
N HIS C 240 -10.45 10.91 -38.54
CA HIS C 240 -10.01 11.11 -39.92
C HIS C 240 -10.08 12.57 -40.32
N ASN C 241 -11.06 13.31 -39.79
CA ASN C 241 -11.09 14.76 -39.98
C ASN C 241 -9.89 15.41 -39.29
N ILE C 242 -9.64 15.04 -38.03
CA ILE C 242 -8.65 15.76 -37.22
C ILE C 242 -7.25 15.60 -37.79
N VAL C 243 -6.90 14.39 -38.27
CA VAL C 243 -5.53 14.16 -38.75
C VAL C 243 -5.26 15.00 -39.99
N ASN C 244 -6.31 15.42 -40.70
CA ASN C 244 -6.17 16.08 -41.99
C ASN C 244 -6.55 17.56 -41.96
N VAL C 245 -7.12 18.06 -40.86
CA VAL C 245 -7.67 19.42 -40.86
C VAL C 245 -6.57 20.46 -41.07
N HIS C 246 -5.34 20.17 -40.62
CA HIS C 246 -4.22 21.09 -40.89
C HIS C 246 -3.92 21.21 -42.38
N SER C 247 -4.08 20.13 -43.14
CA SER C 247 -3.67 20.09 -44.55
C SER C 247 -4.69 20.68 -45.50
N LEU C 248 -5.90 20.99 -45.05
CA LEU C 248 -6.90 21.57 -45.95
C LEU C 248 -6.54 23.00 -46.32
N ALA D 2 -7.33 -35.13 -6.52
CA ALA D 2 -6.01 -34.60 -6.81
C ALA D 2 -6.10 -33.37 -7.71
N ARG D 3 -5.16 -32.45 -7.53
CA ARG D 3 -5.13 -31.20 -8.28
C ARG D 3 -4.28 -31.37 -9.53
N LYS D 4 -4.70 -30.74 -10.61
CA LYS D 4 -3.96 -30.81 -11.86
C LYS D 4 -2.69 -29.96 -11.75
N PHE D 5 -1.54 -30.57 -11.99
CA PHE D 5 -0.27 -29.86 -11.96
C PHE D 5 -0.28 -28.67 -12.92
N PHE D 6 0.34 -27.56 -12.50
CA PHE D 6 0.30 -26.30 -13.21
C PHE D 6 1.72 -25.78 -13.40
N VAL D 7 2.12 -25.54 -14.65
CA VAL D 7 3.43 -24.94 -14.93
C VAL D 7 3.20 -23.67 -15.74
N GLY D 8 3.54 -22.53 -15.15
CA GLY D 8 3.47 -21.25 -15.84
C GLY D 8 4.87 -20.73 -16.15
N GLY D 9 5.01 -20.08 -17.30
CA GLY D 9 6.28 -19.46 -17.64
C GLY D 9 6.14 -17.96 -17.75
N ASN D 10 6.71 -17.22 -16.80
CA ASN D 10 6.60 -15.76 -16.77
C ASN D 10 7.84 -15.18 -17.46
N PHE D 11 7.64 -14.69 -18.69
CA PHE D 11 8.76 -14.15 -19.47
C PHE D 11 9.25 -12.81 -18.93
N LYS D 12 8.47 -12.14 -18.07
CA LYS D 12 8.77 -10.81 -17.55
C LYS D 12 9.02 -9.82 -18.69
N MET D 13 9.73 -8.73 -18.44
CA MET D 13 9.96 -7.71 -19.47
C MET D 13 11.11 -8.10 -20.40
N ASN D 14 10.94 -9.20 -21.13
CA ASN D 14 11.98 -9.66 -22.03
C ASN D 14 11.38 -9.95 -23.38
N GLY D 15 12.26 -10.04 -24.37
CA GLY D 15 11.83 -10.49 -25.69
C GLY D 15 12.29 -9.63 -26.85
N SER D 16 12.50 -10.30 -27.98
CA SER D 16 12.64 -9.69 -29.29
C SER D 16 11.83 -10.55 -30.24
N LEU D 17 11.63 -10.06 -31.46
CA LEU D 17 10.92 -10.86 -32.44
C LEU D 17 11.61 -12.20 -32.64
N GLU D 18 12.95 -12.18 -32.75
CA GLU D 18 13.72 -13.40 -32.94
C GLU D 18 13.61 -14.32 -31.73
N SER D 19 13.80 -13.77 -30.53
CA SER D 19 13.83 -14.66 -29.36
C SER D 19 12.45 -15.23 -29.07
N MET D 20 11.39 -14.49 -29.37
CA MET D 20 10.04 -15.02 -29.16
C MET D 20 9.75 -16.14 -30.14
N LYS D 21 10.17 -15.98 -31.40
CA LYS D 21 10.00 -17.06 -32.37
C LYS D 21 10.70 -18.32 -31.90
N THR D 22 11.91 -18.19 -31.36
CA THR D 22 12.68 -19.35 -30.90
C THR D 22 11.97 -20.04 -29.73
N ILE D 23 11.48 -19.26 -28.76
CA ILE D 23 10.77 -19.82 -27.62
C ILE D 23 9.52 -20.54 -28.10
N ILE D 24 8.73 -19.88 -28.96
CA ILE D 24 7.45 -20.47 -29.38
C ILE D 24 7.69 -21.70 -30.25
N GLU D 25 8.70 -21.64 -31.14
CA GLU D 25 9.06 -22.82 -31.93
C GLU D 25 9.55 -23.96 -31.04
N GLY D 26 10.34 -23.65 -30.02
CA GLY D 26 10.75 -24.67 -29.07
C GLY D 26 9.57 -25.35 -28.40
N LEU D 27 8.56 -24.57 -28.04
CA LEU D 27 7.40 -25.14 -27.35
C LEU D 27 6.53 -25.95 -28.32
N ASN D 28 6.37 -25.45 -29.55
CA ASN D 28 5.49 -26.13 -30.51
C ASN D 28 6.04 -27.48 -30.95
N THR D 29 7.36 -27.64 -30.96
CA THR D 29 7.97 -28.85 -31.53
C THR D 29 8.32 -29.92 -30.50
N THR D 30 8.23 -29.63 -29.21
CA THR D 30 8.45 -30.64 -28.19
C THR D 30 7.12 -31.14 -27.61
N LYS D 31 7.08 -32.44 -27.34
CA LYS D 31 5.86 -33.08 -26.85
C LYS D 31 5.66 -32.82 -25.38
N LEU D 32 4.44 -32.47 -25.00
CA LEU D 32 4.07 -32.21 -23.62
C LEU D 32 2.77 -32.92 -23.29
N ASN D 33 2.65 -33.39 -22.04
CA ASN D 33 1.46 -34.13 -21.59
C ASN D 33 0.44 -33.10 -21.12
N VAL D 34 -0.37 -32.59 -22.06
CA VAL D 34 -1.29 -31.50 -21.76
C VAL D 34 -2.40 -31.95 -20.83
N GLY D 35 -2.78 -33.22 -20.88
CA GLY D 35 -3.76 -33.72 -19.94
C GLY D 35 -3.24 -33.94 -18.54
N ASP D 36 -1.92 -33.95 -18.38
CA ASP D 36 -1.29 -34.11 -17.08
C ASP D 36 -0.85 -32.78 -16.48
N VAL D 37 -0.45 -31.82 -17.31
CA VAL D 37 0.08 -30.53 -16.85
C VAL D 37 -0.64 -29.41 -17.58
N GLU D 38 -1.24 -28.50 -16.82
CA GLU D 38 -1.77 -27.26 -17.38
C GLU D 38 -0.61 -26.29 -17.55
N THR D 39 -0.21 -25.99 -18.80
CA THR D 39 0.94 -25.13 -18.99
C THR D 39 0.54 -23.85 -19.69
N VAL D 40 1.08 -22.74 -19.21
CA VAL D 40 0.72 -21.40 -19.67
C VAL D 40 2.01 -20.59 -19.77
N ILE D 41 2.11 -19.76 -20.82
CA ILE D 41 3.20 -18.80 -20.90
C ILE D 41 2.61 -17.40 -20.79
N PHE D 42 3.39 -16.51 -20.16
CA PHE D 42 2.99 -15.14 -19.88
C PHE D 42 4.01 -14.22 -20.54
N PRO D 43 3.84 -13.89 -21.82
CA PRO D 43 4.81 -13.06 -22.53
C PRO D 43 4.65 -11.58 -22.16
N GLN D 44 5.68 -10.79 -22.50
CA GLN D 44 5.56 -9.33 -22.40
C GLN D 44 4.34 -8.85 -23.18
N ASN D 45 3.70 -7.77 -22.69
CA ASN D 45 2.38 -7.34 -23.19
C ASN D 45 2.33 -7.28 -24.72
N MET D 46 3.33 -6.68 -25.36
CA MET D 46 3.17 -6.38 -26.79
C MET D 46 3.07 -7.64 -27.63
N TYR D 47 3.53 -8.79 -27.11
CA TYR D 47 3.53 -10.05 -27.84
C TYR D 47 2.30 -10.91 -27.56
N LEU D 48 1.31 -10.39 -26.84
CA LEU D 48 0.25 -11.27 -26.34
C LEU D 48 -0.55 -11.87 -27.48
N ILE D 49 -0.95 -11.06 -28.46
CA ILE D 49 -1.79 -11.59 -29.53
C ILE D 49 -0.99 -12.51 -30.45
N THR D 50 0.22 -12.11 -30.83
CA THR D 50 0.96 -12.97 -31.78
C THR D 50 1.41 -14.26 -31.11
N THR D 51 1.71 -14.22 -29.81
CA THR D 51 1.98 -15.46 -29.08
C THR D 51 0.80 -16.40 -29.13
N ARG D 52 -0.43 -15.87 -28.93
CA ARG D 52 -1.60 -16.74 -29.01
C ARG D 52 -1.77 -17.26 -30.42
N GLN D 53 -1.50 -16.43 -31.43
CA GLN D 53 -1.64 -16.88 -32.81
C GLN D 53 -0.67 -18.01 -33.13
N GLN D 54 0.53 -17.96 -32.57
CA GLN D 54 1.64 -18.81 -33.00
C GLN D 54 1.85 -20.05 -32.13
N VAL D 55 1.58 -19.98 -30.82
CA VAL D 55 1.79 -21.14 -29.95
C VAL D 55 0.58 -22.07 -30.03
N LYS D 56 0.83 -23.38 -29.95
CA LYS D 56 -0.24 -24.35 -30.17
C LYS D 56 -1.31 -24.27 -29.07
N LYS D 57 -2.51 -24.69 -29.44
CA LYS D 57 -3.70 -24.54 -28.60
C LYS D 57 -3.53 -25.16 -27.23
N ASP D 58 -2.76 -26.25 -27.10
CA ASP D 58 -2.64 -26.92 -25.81
C ASP D 58 -1.94 -26.08 -24.75
N ILE D 59 -1.30 -24.99 -25.14
CA ILE D 59 -0.56 -24.12 -24.24
C ILE D 59 -1.37 -22.83 -24.09
N GLY D 60 -1.68 -22.47 -22.84
CA GLY D 60 -2.37 -21.22 -22.60
C GLY D 60 -1.45 -20.03 -22.75
N VAL D 61 -2.05 -18.86 -23.01
CA VAL D 61 -1.34 -17.59 -23.01
C VAL D 61 -2.00 -16.69 -21.98
N GLY D 62 -1.18 -16.02 -21.17
CA GLY D 62 -1.68 -15.10 -20.17
C GLY D 62 -0.94 -13.78 -20.18
N ALA D 63 -1.62 -12.75 -19.69
CA ALA D 63 -1.00 -11.45 -19.47
C ALA D 63 -0.22 -11.44 -18.16
N GLN D 64 0.77 -10.55 -18.10
CA GLN D 64 1.57 -10.41 -16.88
C GLN D 64 0.91 -9.49 -15.85
N ASN D 65 -0.16 -8.81 -16.22
CA ASN D 65 -0.86 -7.86 -15.35
C ASN D 65 -2.14 -7.48 -16.06
N VAL D 66 -3.14 -7.04 -15.28
CA VAL D 66 -4.40 -6.55 -15.80
C VAL D 66 -4.90 -5.44 -14.88
N PHE D 67 -5.64 -4.48 -15.45
CA PHE D 67 -6.29 -3.45 -14.64
C PHE D 67 -7.60 -4.01 -14.06
N ASP D 68 -8.22 -3.28 -13.13
CA ASP D 68 -9.38 -3.82 -12.43
C ASP D 68 -10.73 -3.29 -12.94
N LYS D 69 -10.75 -2.54 -14.04
CA LYS D 69 -11.96 -1.90 -14.54
C LYS D 69 -12.22 -2.28 -15.99
N LYS D 70 -13.47 -2.07 -16.44
CA LYS D 70 -13.80 -2.33 -17.82
C LYS D 70 -13.15 -1.27 -18.71
N ASN D 71 -13.26 -1.47 -20.02
CA ASN D 71 -12.56 -0.61 -20.98
C ASN D 71 -12.81 0.85 -20.69
N GLY D 72 -11.74 1.65 -20.69
CA GLY D 72 -11.88 3.06 -20.41
C GLY D 72 -10.55 3.78 -20.42
N ALA D 73 -10.51 4.92 -19.72
CA ALA D 73 -9.43 5.89 -19.87
C ALA D 73 -8.31 5.61 -18.86
N TYR D 74 -7.56 4.54 -19.13
CA TYR D 74 -6.46 4.12 -18.25
C TYR D 74 -5.24 3.86 -19.12
N THR D 75 -4.65 4.95 -19.58
CA THR D 75 -3.55 4.90 -20.54
C THR D 75 -2.44 3.99 -20.03
N GLY D 76 -2.01 3.03 -20.87
CA GLY D 76 -0.91 2.14 -20.53
C GLY D 76 -1.29 0.81 -19.91
N GLU D 77 -2.57 0.59 -19.61
CA GLU D 77 -3.01 -0.62 -18.91
C GLU D 77 -3.50 -1.69 -19.87
N ASN D 78 -3.53 -2.92 -19.35
CA ASN D 78 -4.13 -4.08 -20.04
C ASN D 78 -5.56 -4.29 -19.55
N SER D 79 -6.48 -4.46 -20.49
CA SER D 79 -7.90 -4.66 -20.20
C SER D 79 -8.23 -6.14 -20.17
N ALA D 80 -8.83 -6.60 -19.06
CA ALA D 80 -9.27 -8.00 -18.98
C ALA D 80 -10.23 -8.35 -20.10
N GLN D 81 -11.18 -7.45 -20.41
CA GLN D 81 -12.11 -7.70 -21.50
C GLN D 81 -11.37 -7.88 -22.83
N SER D 82 -10.44 -6.97 -23.13
CA SER D 82 -9.69 -7.06 -24.39
C SER D 82 -8.87 -8.35 -24.45
N LEU D 83 -8.31 -8.76 -23.32
CA LEU D 83 -7.49 -9.98 -23.29
C LEU D 83 -8.32 -11.20 -23.70
N ILE D 84 -9.44 -11.43 -23.05
CA ILE D 84 -10.22 -12.63 -23.35
C ILE D 84 -10.82 -12.57 -24.75
N ASP D 85 -11.11 -11.36 -25.23
CA ASP D 85 -11.62 -11.20 -26.59
C ASP D 85 -10.61 -11.68 -27.63
N ALA D 86 -9.32 -11.53 -27.35
CA ALA D 86 -8.33 -12.04 -28.28
C ALA D 86 -7.87 -13.46 -27.95
N GLY D 87 -8.50 -14.13 -26.99
CA GLY D 87 -8.14 -15.50 -26.67
C GLY D 87 -7.05 -15.64 -25.64
N ILE D 88 -6.68 -14.56 -24.96
CA ILE D 88 -5.77 -14.64 -23.83
C ILE D 88 -6.63 -15.01 -22.63
N THR D 89 -6.41 -16.20 -22.06
CA THR D 89 -7.33 -16.74 -21.08
C THR D 89 -6.77 -16.79 -19.66
N TYR D 90 -5.54 -16.29 -19.44
CA TYR D 90 -4.96 -16.26 -18.11
C TYR D 90 -4.42 -14.86 -17.84
N THR D 91 -4.17 -14.57 -16.56
CA THR D 91 -3.40 -13.37 -16.20
C THR D 91 -2.77 -13.61 -14.84
N LEU D 92 -1.57 -13.05 -14.67
CA LEU D 92 -1.00 -12.88 -13.34
C LEU D 92 -1.68 -11.69 -12.68
N THR D 93 -1.88 -11.77 -11.36
CA THR D 93 -2.12 -10.58 -10.55
C THR D 93 -1.15 -10.61 -9.37
N GLY D 94 -0.75 -9.42 -8.92
CA GLY D 94 0.01 -9.32 -7.67
C GLY D 94 1.42 -9.89 -7.68
N HIS D 95 2.03 -10.07 -8.85
CA HIS D 95 3.43 -10.50 -8.88
C HIS D 95 4.27 -9.60 -7.97
N SER D 96 5.24 -10.20 -7.29
CA SER D 96 6.04 -9.44 -6.33
C SER D 96 6.70 -8.22 -6.97
N GLU D 97 7.03 -8.31 -8.26
CA GLU D 97 7.64 -7.15 -8.91
C GLU D 97 6.67 -5.99 -9.01
N ARG D 98 5.37 -6.28 -9.09
CA ARG D 98 4.38 -5.21 -9.16
C ARG D 98 3.99 -4.72 -7.78
N ARG D 99 3.94 -5.62 -6.79
CA ARG D 99 3.71 -5.20 -5.40
C ARG D 99 4.85 -4.32 -4.89
N THR D 100 6.09 -4.65 -5.26
CA THR D 100 7.22 -3.83 -4.81
C THR D 100 7.44 -2.59 -5.68
N ILE D 101 7.75 -2.77 -6.96
CA ILE D 101 8.11 -1.62 -7.81
C ILE D 101 6.94 -0.67 -7.96
N PHE D 102 5.75 -1.19 -8.21
CA PHE D 102 4.59 -0.34 -8.50
C PHE D 102 3.63 -0.23 -7.33
N LYS D 103 4.04 -0.69 -6.15
CA LYS D 103 3.27 -0.54 -4.91
C LYS D 103 1.82 -0.98 -5.06
N GLU D 104 1.59 -2.09 -5.78
CA GLU D 104 0.22 -2.57 -5.89
C GLU D 104 -0.25 -3.06 -4.53
N SER D 105 -1.34 -2.48 -4.02
CA SER D 105 -1.81 -2.82 -2.68
C SER D 105 -2.49 -4.19 -2.66
N ASP D 106 -2.65 -4.75 -1.45
CA ASP D 106 -3.38 -6.01 -1.31
C ASP D 106 -4.78 -5.91 -1.92
N GLU D 107 -5.46 -4.78 -1.67
CA GLU D 107 -6.82 -4.61 -2.16
C GLU D 107 -6.86 -4.43 -3.67
N PHE D 108 -5.90 -3.68 -4.23
CA PHE D 108 -5.84 -3.53 -5.69
C PHE D 108 -5.68 -4.88 -6.37
N VAL D 109 -4.77 -5.71 -5.87
CA VAL D 109 -4.57 -7.05 -6.42
C VAL D 109 -5.88 -7.85 -6.36
N ALA D 110 -6.55 -7.79 -5.21
CA ALA D 110 -7.82 -8.50 -5.04
C ALA D 110 -8.87 -7.97 -6.00
N ASP D 111 -8.91 -6.65 -6.21
CA ASP D 111 -9.89 -6.06 -7.12
C ASP D 111 -9.64 -6.49 -8.57
N LYS D 112 -8.38 -6.48 -9.03
CA LYS D 112 -8.16 -6.94 -10.40
C LYS D 112 -8.40 -8.43 -10.52
N THR D 113 -8.07 -9.21 -9.48
CA THR D 113 -8.39 -10.64 -9.50
C THR D 113 -9.89 -10.86 -9.70
N LYS D 114 -10.70 -10.18 -8.88
CA LYS D 114 -12.15 -10.32 -8.98
C LYS D 114 -12.63 -9.95 -10.38
N PHE D 115 -12.20 -8.79 -10.89
CA PHE D 115 -12.66 -8.36 -12.20
C PHE D 115 -12.25 -9.35 -13.29
N ALA D 116 -10.98 -9.77 -13.27
CA ALA D 116 -10.48 -10.71 -14.27
C ALA D 116 -11.28 -12.01 -14.24
N LEU D 117 -11.54 -12.55 -13.05
CA LEU D 117 -12.36 -13.75 -12.93
C LEU D 117 -13.75 -13.54 -13.54
N GLU D 118 -14.37 -12.39 -13.24
CA GLU D 118 -15.72 -12.10 -13.74
C GLU D 118 -15.74 -12.09 -15.26
N GLN D 119 -14.66 -11.61 -15.87
CA GLN D 119 -14.58 -11.52 -17.34
C GLN D 119 -14.16 -12.83 -17.99
N GLY D 120 -13.90 -13.88 -17.22
CA GLY D 120 -13.68 -15.21 -17.76
C GLY D 120 -12.25 -15.73 -17.69
N LEU D 121 -11.32 -14.97 -17.12
CA LEU D 121 -9.91 -15.38 -17.07
C LEU D 121 -9.64 -16.32 -15.89
N THR D 122 -8.62 -17.16 -16.04
CA THR D 122 -8.00 -17.80 -14.89
C THR D 122 -6.94 -16.86 -14.34
N VAL D 123 -6.87 -16.71 -13.02
CA VAL D 123 -5.97 -15.76 -12.38
C VAL D 123 -4.92 -16.54 -11.61
N VAL D 124 -3.65 -16.29 -11.92
CA VAL D 124 -2.55 -16.73 -11.07
C VAL D 124 -2.24 -15.57 -10.13
N ALA D 125 -2.79 -15.62 -8.92
CA ALA D 125 -2.59 -14.57 -7.93
C ALA D 125 -1.32 -14.89 -7.15
N CYS D 126 -0.38 -13.95 -7.13
CA CYS D 126 0.92 -14.14 -6.51
C CYS D 126 0.94 -13.50 -5.12
N ILE D 127 1.56 -14.18 -4.17
CA ILE D 127 1.71 -13.70 -2.80
C ILE D 127 3.14 -14.01 -2.36
N GLY D 128 3.55 -13.43 -1.24
CA GLY D 128 4.89 -13.72 -0.75
C GLY D 128 5.48 -12.68 0.17
N GLU D 129 6.40 -13.11 1.03
CA GLU D 129 6.95 -12.29 2.10
C GLU D 129 8.39 -11.91 1.81
N THR D 130 8.78 -10.72 2.26
CA THR D 130 10.13 -10.20 2.13
C THR D 130 11.06 -10.79 3.19
N LEU D 131 12.34 -10.37 3.13
CA LEU D 131 13.35 -10.88 4.07
C LEU D 131 13.02 -10.47 5.49
N ALA D 132 12.66 -9.20 5.70
CA ALA D 132 12.30 -8.75 7.05
C ALA D 132 11.05 -9.46 7.55
N GLU D 133 10.10 -9.74 6.66
CA GLU D 133 8.88 -10.42 7.07
C GLU D 133 9.14 -11.88 7.41
N ARG D 134 10.13 -12.50 6.76
CA ARG D 134 10.41 -13.92 6.98
C ARG D 134 10.81 -14.20 8.42
N GLU D 135 11.36 -13.20 9.11
CA GLU D 135 11.92 -13.43 10.45
C GLU D 135 10.87 -13.97 11.42
N ALA D 136 9.68 -13.35 11.42
CA ALA D 136 8.64 -13.77 12.35
C ALA D 136 7.23 -13.43 11.85
N ASN D 137 7.04 -13.40 10.52
CA ASN D 137 5.72 -13.02 10.01
C ASN D 137 5.37 -13.65 8.67
N THR D 138 6.04 -14.73 8.26
CA THR D 138 5.71 -15.37 6.97
C THR D 138 4.22 -15.67 6.88
N ILE D 139 3.68 -16.34 7.91
CA ILE D 139 2.28 -16.76 7.89
C ILE D 139 1.37 -15.54 7.90
N ASN D 140 1.61 -14.61 8.82
CA ASN D 140 0.78 -13.40 8.90
C ASN D 140 0.74 -12.65 7.57
N VAL D 141 1.85 -12.65 6.83
CA VAL D 141 1.91 -11.89 5.59
C VAL D 141 1.06 -12.56 4.51
N VAL D 142 1.26 -13.85 4.29
CA VAL D 142 0.50 -14.51 3.21
C VAL D 142 -0.98 -14.54 3.57
N VAL D 143 -1.29 -14.77 4.84
CA VAL D 143 -2.68 -14.75 5.31
C VAL D 143 -3.33 -13.41 5.00
N ARG D 144 -2.59 -12.30 5.22
CA ARG D 144 -3.18 -10.99 4.97
C ARG D 144 -3.38 -10.75 3.47
N GLN D 145 -2.42 -11.18 2.66
CA GLN D 145 -2.57 -11.01 1.21
C GLN D 145 -3.72 -11.85 0.69
N LEU D 146 -3.86 -13.08 1.21
CA LEU D 146 -4.92 -13.98 0.76
C LEU D 146 -6.28 -13.52 1.26
N ASN D 147 -6.36 -13.04 2.51
CA ASN D 147 -7.62 -12.52 3.03
C ASN D 147 -8.15 -11.38 2.17
N ALA D 148 -7.26 -10.52 1.68
CA ALA D 148 -7.71 -9.42 0.83
C ALA D 148 -8.41 -9.97 -0.41
N ILE D 149 -7.86 -11.03 -1.00
CA ILE D 149 -8.52 -11.63 -2.15
C ILE D 149 -9.84 -12.28 -1.73
N ALA D 150 -9.83 -12.99 -0.61
CA ALA D 150 -11.05 -13.64 -0.13
C ALA D 150 -12.17 -12.63 0.11
N ASP D 151 -11.82 -11.41 0.55
CA ASP D 151 -12.85 -10.40 0.78
C ASP D 151 -13.59 -10.03 -0.51
N LYS D 152 -12.95 -10.18 -1.67
CA LYS D 152 -13.56 -9.75 -2.92
C LYS D 152 -14.02 -10.90 -3.81
N VAL D 153 -13.54 -12.11 -3.57
CA VAL D 153 -13.73 -13.23 -4.50
C VAL D 153 -14.42 -14.37 -3.75
N GLN D 154 -15.60 -14.75 -4.22
CA GLN D 154 -16.29 -15.91 -3.65
C GLN D 154 -15.88 -17.21 -4.35
N ASN D 155 -15.70 -17.17 -5.66
CA ASN D 155 -15.47 -18.35 -6.48
C ASN D 155 -13.96 -18.47 -6.77
N TRP D 156 -13.32 -19.48 -6.17
CA TRP D 156 -11.89 -19.71 -6.30
C TRP D 156 -11.54 -20.84 -7.27
N SER D 157 -12.48 -21.35 -8.06
CA SER D 157 -12.17 -22.47 -8.93
C SER D 157 -11.19 -22.12 -10.05
N LYS D 158 -11.11 -20.85 -10.46
CA LYS D 158 -10.19 -20.45 -11.52
C LYS D 158 -9.09 -19.53 -10.98
N ILE D 159 -8.78 -19.67 -9.70
CA ILE D 159 -7.62 -19.03 -9.09
C ILE D 159 -6.55 -20.08 -8.91
N VAL D 160 -5.31 -19.71 -9.21
CA VAL D 160 -4.12 -20.46 -8.84
C VAL D 160 -3.28 -19.53 -7.98
N ILE D 161 -2.82 -20.01 -6.84
CA ILE D 161 -2.00 -19.21 -5.95
C ILE D 161 -0.54 -19.53 -6.25
N ALA D 162 0.27 -18.50 -6.49
CA ALA D 162 1.70 -18.66 -6.68
C ALA D 162 2.42 -18.05 -5.48
N TYR D 163 3.18 -18.86 -4.77
CA TYR D 163 3.95 -18.40 -3.61
C TYR D 163 5.35 -17.98 -4.05
N GLU D 164 5.68 -16.72 -3.83
CA GLU D 164 6.99 -16.20 -4.19
C GLU D 164 7.81 -16.00 -2.92
N PRO D 165 8.89 -16.73 -2.71
CA PRO D 165 9.78 -16.46 -1.56
C PRO D 165 10.67 -15.25 -1.81
N VAL D 166 10.05 -14.07 -1.72
CA VAL D 166 10.74 -12.81 -2.01
C VAL D 166 11.98 -12.67 -1.15
N TRP D 167 11.95 -13.25 0.05
CA TRP D 167 13.09 -13.20 0.96
C TRP D 167 14.36 -13.81 0.38
N ALA D 168 14.23 -14.69 -0.62
CA ALA D 168 15.39 -15.37 -1.20
C ALA D 168 15.92 -14.69 -2.45
N ILE D 169 15.27 -13.61 -2.89
CA ILE D 169 15.69 -12.87 -4.08
C ILE D 169 16.74 -11.86 -3.61
N GLY D 170 18.01 -12.17 -3.84
CA GLY D 170 19.10 -11.36 -3.35
C GLY D 170 19.82 -11.98 -2.18
N LYS D 173 20.45 -15.31 0.22
CA LYS D 173 19.69 -16.42 0.78
C LYS D 173 19.08 -17.29 -0.31
N THR D 174 18.74 -18.54 0.02
CA THR D 174 18.16 -19.47 -0.92
C THR D 174 17.06 -20.28 -0.26
N ALA D 175 16.00 -20.55 -1.01
CA ALA D 175 14.84 -21.30 -0.52
C ALA D 175 14.99 -22.77 -0.90
N THR D 176 14.87 -23.65 0.11
CA THR D 176 14.89 -25.08 -0.12
C THR D 176 13.49 -25.59 -0.49
N PRO D 177 13.41 -26.68 -1.24
CA PRO D 177 12.09 -27.30 -1.49
C PRO D 177 11.34 -27.64 -0.20
N GLU D 178 12.06 -28.05 0.85
CA GLU D 178 11.41 -28.32 2.14
C GLU D 178 10.76 -27.06 2.69
N GLN D 179 11.46 -25.93 2.61
CA GLN D 179 10.90 -24.67 3.11
C GLN D 179 9.68 -24.26 2.32
N ALA D 180 9.72 -24.45 0.99
CA ALA D 180 8.56 -24.15 0.17
C ALA D 180 7.34 -24.97 0.59
N GLN D 181 7.52 -26.28 0.75
CA GLN D 181 6.44 -27.16 1.23
C GLN D 181 5.82 -26.62 2.51
N GLU D 182 6.64 -26.16 3.46
CA GLU D 182 6.10 -25.70 4.73
C GLU D 182 5.20 -24.49 4.54
N VAL D 183 5.57 -23.56 3.65
CA VAL D 183 4.71 -22.41 3.40
C VAL D 183 3.46 -22.83 2.64
N HIS D 184 3.61 -23.70 1.62
CA HIS D 184 2.46 -24.16 0.85
C HIS D 184 1.44 -24.84 1.76
N ALA D 185 1.91 -25.66 2.70
CA ALA D 185 1.01 -26.27 3.66
C ALA D 185 0.27 -25.22 4.48
N GLU D 186 0.95 -24.15 4.88
CA GLU D 186 0.27 -23.09 5.63
C GLU D 186 -0.75 -22.38 4.77
N ILE D 187 -0.44 -22.21 3.48
CA ILE D 187 -1.41 -21.59 2.57
C ILE D 187 -2.65 -22.47 2.45
N ARG D 188 -2.46 -23.79 2.35
CA ARG D 188 -3.60 -24.69 2.24
C ARG D 188 -4.37 -24.77 3.57
N LYS D 189 -3.66 -24.64 4.70
CA LYS D 189 -4.36 -24.53 5.98
C LYS D 189 -5.22 -23.28 6.03
N TRP D 190 -4.68 -22.15 5.57
CA TRP D 190 -5.48 -20.94 5.53
C TRP D 190 -6.72 -21.14 4.66
N ALA D 191 -6.56 -21.75 3.48
CA ALA D 191 -7.69 -22.00 2.61
C ALA D 191 -8.73 -22.89 3.28
N THR D 192 -8.29 -23.96 3.93
CA THR D 192 -9.20 -24.82 4.69
C THR D 192 -10.00 -24.00 5.69
N ASN D 193 -9.34 -23.13 6.45
CA ASN D 193 -10.01 -22.41 7.53
C ASN D 193 -10.94 -21.33 6.99
N LYS D 194 -10.55 -20.69 5.90
CA LYS D 194 -11.29 -19.54 5.40
C LYS D 194 -12.31 -19.93 4.32
N LEU D 195 -11.94 -20.87 3.46
CA LEU D 195 -12.74 -21.22 2.30
C LEU D 195 -13.37 -22.60 2.39
N GLY D 196 -12.97 -23.40 3.37
CA GLY D 196 -13.47 -24.75 3.52
C GLY D 196 -12.52 -25.79 2.91
N ALA D 197 -12.62 -27.02 3.43
CA ALA D 197 -11.72 -28.07 2.98
C ALA D 197 -11.93 -28.42 1.51
N SER D 198 -13.15 -28.27 0.99
CA SER D 198 -13.40 -28.59 -0.41
C SER D 198 -12.63 -27.65 -1.34
N VAL D 199 -12.63 -26.35 -1.04
CA VAL D 199 -11.85 -25.42 -1.85
C VAL D 199 -10.36 -25.69 -1.68
N ALA D 200 -9.92 -25.85 -0.43
CA ALA D 200 -8.50 -26.05 -0.15
C ALA D 200 -7.96 -27.29 -0.86
N GLU D 201 -8.78 -28.34 -0.98
CA GLU D 201 -8.31 -29.59 -1.56
C GLU D 201 -8.09 -29.47 -3.05
N GLY D 202 -8.82 -28.58 -3.73
CA GLY D 202 -8.68 -28.38 -5.15
C GLY D 202 -7.84 -27.19 -5.57
N LEU D 203 -7.33 -26.41 -4.61
CA LEU D 203 -6.65 -25.15 -4.90
C LEU D 203 -5.20 -25.40 -5.30
N ARG D 204 -4.84 -25.06 -6.53
CA ARG D 204 -3.44 -25.17 -6.94
C ARG D 204 -2.62 -24.09 -6.25
N VAL D 205 -1.59 -24.51 -5.52
CA VAL D 205 -0.60 -23.61 -4.95
C VAL D 205 0.72 -23.93 -5.63
N ILE D 206 1.18 -23.04 -6.51
CA ILE D 206 2.38 -23.33 -7.29
C ILE D 206 3.54 -22.54 -6.69
N TYR D 207 4.75 -23.07 -6.88
CA TYR D 207 5.94 -22.48 -6.30
C TYR D 207 6.56 -21.50 -7.28
N GLY D 208 6.75 -20.25 -6.83
CA GLY D 208 7.26 -19.18 -7.66
C GLY D 208 8.65 -18.72 -7.32
N GLY D 209 9.38 -19.45 -6.48
CA GLY D 209 10.81 -19.25 -6.34
C GLY D 209 11.54 -19.67 -7.58
N SER D 210 12.87 -19.61 -7.50
CA SER D 210 13.70 -19.87 -8.67
C SER D 210 13.62 -21.35 -9.04
N VAL D 211 13.11 -21.64 -10.24
CA VAL D 211 12.91 -23.00 -10.71
C VAL D 211 13.58 -23.14 -12.07
N ASN D 212 14.41 -24.17 -12.22
CA ASN D 212 15.14 -24.40 -13.45
C ASN D 212 15.16 -25.89 -13.77
N GLY D 213 15.76 -26.22 -14.92
CA GLY D 213 15.82 -27.61 -15.35
C GLY D 213 16.50 -28.51 -14.35
N GLY D 214 17.47 -27.97 -13.61
CA GLY D 214 18.24 -28.79 -12.69
C GLY D 214 17.58 -29.07 -11.36
N ASN D 215 16.69 -28.19 -10.90
CA ASN D 215 16.08 -28.38 -9.58
C ASN D 215 14.60 -28.72 -9.66
N ALA D 216 14.01 -28.72 -10.86
CA ALA D 216 12.57 -28.96 -11.01
C ALA D 216 12.14 -30.28 -10.36
N LYS D 217 12.91 -31.35 -10.56
CA LYS D 217 12.49 -32.66 -10.08
C LYS D 217 12.44 -32.73 -8.56
N GLU D 218 13.31 -31.99 -7.88
CA GLU D 218 13.36 -32.02 -6.42
C GLU D 218 12.01 -31.69 -5.77
N PHE D 219 11.18 -30.88 -6.43
CA PHE D 219 9.96 -30.39 -5.79
C PHE D 219 8.82 -31.40 -5.85
N LEU D 220 8.89 -32.42 -6.70
CA LEU D 220 7.72 -33.26 -6.94
C LEU D 220 7.37 -34.14 -5.74
N LYS D 221 8.27 -34.31 -4.78
CA LYS D 221 8.01 -35.16 -3.63
C LYS D 221 7.17 -34.48 -2.55
N PHE D 222 6.85 -33.20 -2.70
CA PHE D 222 6.15 -32.45 -1.66
C PHE D 222 4.68 -32.29 -2.03
N HIS D 223 3.81 -32.74 -1.12
CA HIS D 223 2.40 -32.96 -1.44
C HIS D 223 1.65 -31.67 -1.74
N ASP D 224 2.08 -30.54 -1.17
CA ASP D 224 1.33 -29.29 -1.26
C ASP D 224 1.89 -28.35 -2.32
N ILE D 225 2.83 -28.80 -3.14
CA ILE D 225 3.37 -28.01 -4.25
C ILE D 225 2.76 -28.54 -5.53
N ASP D 226 1.89 -27.74 -6.15
CA ASP D 226 1.07 -28.18 -7.27
C ASP D 226 1.60 -27.68 -8.62
N GLY D 227 2.82 -27.17 -8.67
CA GLY D 227 3.42 -26.76 -9.91
C GLY D 227 4.38 -25.61 -9.71
N PHE D 228 4.67 -24.89 -10.80
CA PHE D 228 5.65 -23.82 -10.77
C PHE D 228 5.17 -22.61 -11.55
N LEU D 229 5.56 -21.43 -11.07
CA LEU D 229 5.61 -20.22 -11.88
C LEU D 229 7.10 -19.99 -12.14
N VAL D 230 7.54 -20.36 -13.33
CA VAL D 230 8.96 -20.34 -13.70
C VAL D 230 9.32 -18.94 -14.20
N GLY D 231 10.45 -18.43 -13.71
CA GLY D 231 10.95 -17.15 -14.17
C GLY D 231 11.90 -17.26 -15.35
N GLY D 232 13.19 -17.02 -15.12
CA GLY D 232 14.13 -16.89 -16.21
C GLY D 232 14.30 -18.14 -17.04
N ALA D 233 14.14 -19.32 -16.44
CA ALA D 233 14.27 -20.55 -17.21
C ALA D 233 13.17 -20.69 -18.26
N SER D 234 12.05 -19.96 -18.13
CA SER D 234 11.01 -20.04 -19.14
C SER D 234 11.43 -19.40 -20.46
N LEU D 235 12.52 -18.66 -20.47
CA LEU D 235 13.05 -18.09 -21.70
C LEU D 235 13.98 -19.07 -22.43
N LYS D 236 14.26 -20.22 -21.82
CA LYS D 236 15.31 -21.13 -22.26
C LYS D 236 14.72 -22.48 -22.67
N PRO D 237 15.44 -23.25 -23.50
CA PRO D 237 14.91 -24.56 -23.90
C PRO D 237 14.62 -25.49 -22.73
N GLU D 238 15.32 -25.35 -21.62
CA GLU D 238 15.08 -26.22 -20.47
C GLU D 238 13.69 -26.05 -19.88
N PHE D 239 12.95 -25.02 -20.29
CA PHE D 239 11.56 -24.90 -19.88
C PHE D 239 10.76 -26.14 -20.29
N HIS D 240 11.09 -26.74 -21.43
CA HIS D 240 10.39 -27.95 -21.85
C HIS D 240 10.55 -29.07 -20.84
N ASN D 241 11.76 -29.21 -20.28
CA ASN D 241 11.97 -30.23 -19.26
C ASN D 241 11.19 -29.93 -18.00
N ILE D 242 11.02 -28.65 -17.67
CA ILE D 242 10.23 -28.29 -16.50
C ILE D 242 8.76 -28.62 -16.71
N VAL D 243 8.25 -28.37 -17.91
CA VAL D 243 6.84 -28.63 -18.19
C VAL D 243 6.51 -30.10 -17.96
N ASN D 244 7.25 -31.00 -18.60
CA ASN D 244 6.95 -32.41 -18.42
C ASN D 244 7.94 -33.08 -17.48
N VAL D 245 8.21 -32.44 -16.34
CA VAL D 245 9.06 -33.05 -15.33
C VAL D 245 8.37 -34.23 -14.66
N HIS D 246 7.04 -34.32 -14.74
CA HIS D 246 6.34 -35.50 -14.24
C HIS D 246 6.84 -36.76 -14.94
N SER D 247 7.09 -36.69 -16.24
CA SER D 247 7.67 -37.81 -16.97
C SER D 247 9.18 -37.66 -17.07
#